data_4H7O
#
_entry.id   4H7O
#
_cell.length_a   144.040
_cell.length_b   75.040
_cell.length_c   73.430
_cell.angle_alpha   90.00
_cell.angle_beta   89.04
_cell.angle_gamma   90.00
#
_symmetry.space_group_name_H-M   'C 1 2 1'
#
loop_
_entity.id
_entity.type
_entity.pdbx_description
1 polymer 'Serine acetyltransferase'
2 non-polymer CYSTEINE
3 non-polymer ARGININE
4 non-polymer 'SODIUM ION'
5 water water
#
_entity_poly.entity_id   1
_entity_poly.type   'polypeptide(L)'
_entity_poly.pdbx_seq_one_letter_code
;MKQCAHTKVWQTIVAEAREQAEQEPMLASFYHATIIKHDSLKAALSYILANRLNTASMPAMAVREVIEEAFAADPSISEA
AACDICATVNRDPAVSMYSMPLLYLKGYHALQGYRVANWLWRQGRKALATYFQNQISVACQVDIHPAARIGRGIMLDHAT
GIVIGETAVVEDDVSILQDVTLGGTGKECGDRHPKIREGVMIGAGAKILGNIEVGEGAKIGSGSVVLQAVPPHTTVAGVP
ARIVGRPQSDKPSLDMDQQFNGRSQTFIGGDGILEHHHHHH
;
_entity_poly.pdbx_strand_id   A,B,C
#
loop_
_chem_comp.id
_chem_comp.type
_chem_comp.name
_chem_comp.formula
NA non-polymer 'SODIUM ION' 'Na 1'
#
# COMPACT_ATOMS: atom_id res chain seq x y z
N ALA A 5 0.50 -22.70 -25.74
CA ALA A 5 1.48 -22.24 -24.73
C ALA A 5 1.34 -23.04 -23.43
N HIS A 6 0.10 -23.40 -23.08
CA HIS A 6 -0.21 -23.87 -21.72
C HIS A 6 0.72 -24.90 -21.12
N THR A 7 1.04 -25.95 -21.86
CA THR A 7 1.89 -27.01 -21.29
C THR A 7 3.38 -26.74 -21.47
N LYS A 8 3.74 -25.93 -22.47
CA LYS A 8 5.12 -25.45 -22.60
C LYS A 8 5.45 -24.57 -21.39
N VAL A 9 4.52 -23.70 -21.05
CA VAL A 9 4.64 -22.83 -19.88
C VAL A 9 4.82 -23.66 -18.59
N TRP A 10 3.89 -24.58 -18.36
CA TRP A 10 4.00 -25.48 -17.21
C TRP A 10 5.30 -26.26 -17.16
N GLN A 11 5.67 -26.88 -18.28
CA GLN A 11 6.95 -27.59 -18.36
C GLN A 11 8.16 -26.68 -18.13
N THR A 12 8.11 -25.43 -18.58
CA THR A 12 9.23 -24.52 -18.35
C THR A 12 9.30 -24.19 -16.85
N ILE A 13 8.16 -23.82 -16.26
CA ILE A 13 8.04 -23.60 -14.80
C ILE A 13 8.62 -24.75 -13.96
N VAL A 14 8.25 -25.99 -14.29
CA VAL A 14 8.80 -27.15 -13.60
C VAL A 14 10.33 -27.22 -13.79
N ALA A 15 10.82 -26.98 -15.01
CA ALA A 15 12.29 -27.06 -15.25
C ALA A 15 13.05 -25.99 -14.47
N GLU A 16 12.50 -24.77 -14.42
CA GLU A 16 13.11 -23.68 -13.64
C GLU A 16 13.10 -24.01 -12.16
N ALA A 17 12.00 -24.60 -11.69
CA ALA A 17 11.86 -24.93 -10.27
C ALA A 17 12.92 -25.94 -9.83
N ARG A 18 13.14 -26.96 -10.64
CA ARG A 18 14.18 -27.98 -10.37
C ARG A 18 15.55 -27.34 -10.27
N GLU A 19 15.84 -26.38 -11.13
CA GLU A 19 17.13 -25.69 -11.09
C GLU A 19 17.25 -24.82 -9.84
N GLN A 20 16.18 -24.10 -9.51
CA GLN A 20 16.19 -23.23 -8.34
C GLN A 20 16.28 -24.05 -7.06
N ALA A 21 15.54 -25.16 -6.99
CA ALA A 21 15.64 -26.09 -5.87
C ALA A 21 17.07 -26.56 -5.59
N GLU A 22 17.76 -27.02 -6.64
CA GLU A 22 19.19 -27.40 -6.56
C GLU A 22 20.08 -26.27 -6.04
N GLN A 23 19.77 -25.03 -6.42
CA GLN A 23 20.60 -23.87 -6.07
C GLN A 23 20.39 -23.32 -4.68
N GLU A 24 19.16 -23.40 -4.19
CA GLU A 24 18.82 -22.77 -2.93
C GLU A 24 18.21 -23.81 -1.98
N PRO A 25 19.07 -24.45 -1.16
CA PRO A 25 18.63 -25.47 -0.20
C PRO A 25 17.56 -24.94 0.77
N MET A 26 17.60 -23.65 1.10
CA MET A 26 16.53 -23.06 1.95
C MET A 26 15.14 -23.10 1.31
N LEU A 27 15.10 -23.18 -0.02
CA LEU A 27 13.85 -23.09 -0.78
C LEU A 27 13.49 -24.34 -1.60
N ALA A 28 14.34 -25.37 -1.56
CA ALA A 28 14.10 -26.64 -2.27
C ALA A 28 12.70 -27.22 -1.94
N SER A 29 12.38 -27.30 -0.65
CA SER A 29 11.06 -27.83 -0.26
C SER A 29 9.89 -26.96 -0.75
N PHE A 30 10.04 -25.64 -0.62
CA PHE A 30 9.10 -24.69 -1.19
C PHE A 30 8.90 -24.90 -2.70
N TYR A 31 10.00 -25.05 -3.45
CA TYR A 31 9.90 -25.30 -4.92
C TYR A 31 9.23 -26.65 -5.25
N HIS A 32 9.54 -27.67 -4.45
CA HIS A 32 8.97 -28.98 -4.63
C HIS A 32 7.48 -29.02 -4.32
N ALA A 33 7.10 -28.46 -3.17
CA ALA A 33 5.71 -28.49 -2.67
C ALA A 33 4.79 -27.61 -3.51
N THR A 34 5.28 -26.48 -4.00
CA THR A 34 4.45 -25.63 -4.85
C THR A 34 4.44 -26.11 -6.28
N ILE A 35 5.62 -26.41 -6.84
CA ILE A 35 5.70 -26.72 -8.28
C ILE A 35 6.04 -28.16 -8.65
N ILE A 36 7.25 -28.61 -8.29
CA ILE A 36 7.83 -29.84 -8.83
C ILE A 36 6.96 -31.07 -8.65
N LYS A 37 6.30 -31.22 -7.50
CA LYS A 37 5.43 -32.37 -7.31
C LYS A 37 4.12 -32.31 -8.12
N HIS A 38 3.87 -31.22 -8.86
CA HIS A 38 2.58 -31.07 -9.55
C HIS A 38 2.57 -31.29 -11.06
N ASP A 39 1.38 -31.66 -11.53
CA ASP A 39 1.04 -32.01 -12.93
C ASP A 39 0.57 -30.84 -13.75
N SER A 40 -0.01 -29.84 -13.09
CA SER A 40 -0.56 -28.69 -13.78
C SER A 40 -0.23 -27.38 -13.03
N LEU A 41 -0.46 -26.28 -13.72
CA LEU A 41 -0.46 -24.97 -13.11
C LEU A 41 -1.58 -24.86 -12.06
N LYS A 42 -2.76 -25.42 -12.33
CA LYS A 42 -3.87 -25.37 -11.35
C LYS A 42 -3.46 -25.75 -9.91
N ALA A 43 -2.81 -26.90 -9.74
CA ALA A 43 -2.42 -27.38 -8.42
C ALA A 43 -1.37 -26.50 -7.77
N ALA A 44 -0.34 -26.09 -8.52
CA ALA A 44 0.61 -25.09 -8.04
C ALA A 44 -0.07 -23.79 -7.61
N LEU A 45 -0.88 -23.23 -8.49
CA LEU A 45 -1.51 -21.94 -8.23
C LEU A 45 -2.49 -22.03 -7.06
N SER A 46 -3.22 -23.14 -6.94
CA SER A 46 -4.20 -23.24 -5.83
C SER A 46 -3.47 -23.22 -4.50
N TYR A 47 -2.30 -23.87 -4.47
CA TYR A 47 -1.48 -23.91 -3.26
C TYR A 47 -0.98 -22.50 -2.87
N ILE A 48 -0.43 -21.79 -3.84
CA ILE A 48 0.19 -20.49 -3.60
C ILE A 48 -0.86 -19.45 -3.21
N LEU A 49 -1.99 -19.45 -3.92
CA LEU A 49 -3.07 -18.50 -3.61
C LEU A 49 -3.71 -18.80 -2.27
N ALA A 50 -3.84 -20.09 -1.96
CA ALA A 50 -4.40 -20.52 -0.68
C ALA A 50 -3.62 -19.92 0.49
N ASN A 51 -2.28 -19.95 0.37
CA ASN A 51 -1.39 -19.36 1.38
C ASN A 51 -1.52 -17.87 1.45
N ARG A 52 -1.63 -17.19 0.31
CA ARG A 52 -1.85 -15.74 0.32
C ARG A 52 -3.19 -15.36 0.95
N LEU A 53 -4.23 -16.19 0.74
CA LEU A 53 -5.58 -15.92 1.24
C LEU A 53 -5.84 -16.38 2.68
N ASN A 54 -4.87 -17.07 3.24
CA ASN A 54 -4.97 -17.63 4.59
C ASN A 54 -5.40 -16.60 5.65
N THR A 55 -6.37 -16.98 6.47
CA THR A 55 -6.78 -16.14 7.61
C THR A 55 -7.18 -17.01 8.77
N ALA A 56 -7.26 -16.41 9.95
CA ALA A 56 -7.68 -17.09 11.17
C ALA A 56 -8.97 -17.83 10.92
N SER A 57 -9.98 -17.18 10.33
CA SER A 57 -11.33 -17.78 10.21
C SER A 57 -11.48 -18.79 9.07
N MET A 58 -10.56 -18.75 8.09
CA MET A 58 -10.55 -19.73 7.01
C MET A 58 -9.12 -20.06 6.56
N PRO A 59 -8.54 -21.14 7.11
CA PRO A 59 -7.13 -21.44 6.84
C PRO A 59 -6.89 -21.82 5.39
N ALA A 60 -5.65 -21.60 4.92
CA ALA A 60 -5.22 -21.99 3.56
C ALA A 60 -5.82 -23.32 3.07
N MET A 61 -5.71 -24.37 3.88
CA MET A 61 -6.14 -25.71 3.47
C MET A 61 -7.61 -25.75 3.07
N ALA A 62 -8.46 -25.05 3.82
CA ALA A 62 -9.87 -24.95 3.46
C ALA A 62 -10.06 -24.02 2.28
N VAL A 63 -9.19 -23.02 2.17
CA VAL A 63 -9.29 -22.08 1.06
C VAL A 63 -8.95 -22.78 -0.25
N ARG A 64 -7.90 -23.62 -0.24
CA ARG A 64 -7.51 -24.34 -1.44
C ARG A 64 -8.67 -25.05 -2.12
N GLU A 65 -9.55 -25.68 -1.33
CA GLU A 65 -10.69 -26.41 -1.91
C GLU A 65 -11.59 -25.50 -2.73
N VAL A 66 -11.91 -24.33 -2.19
CA VAL A 66 -12.69 -23.34 -2.91
C VAL A 66 -11.99 -22.87 -4.20
N ILE A 67 -10.68 -22.67 -4.15
CA ILE A 67 -9.93 -22.30 -5.35
C ILE A 67 -10.00 -23.45 -6.38
N GLU A 68 -9.81 -24.68 -5.92
CA GLU A 68 -9.80 -25.83 -6.82
C GLU A 68 -11.18 -26.03 -7.44
N GLU A 69 -12.23 -25.80 -6.63
CA GLU A 69 -13.61 -25.86 -7.14
C GLU A 69 -13.84 -24.87 -8.28
N ALA A 70 -13.50 -23.60 -8.09
CA ALA A 70 -13.58 -22.63 -9.18
C ALA A 70 -12.76 -23.09 -10.41
N PHE A 71 -11.53 -23.58 -10.20
CA PHE A 71 -10.69 -24.01 -11.34
C PHE A 71 -11.36 -25.18 -12.11
N ALA A 72 -11.92 -26.14 -11.38
CA ALA A 72 -12.61 -27.28 -12.02
C ALA A 72 -13.89 -26.87 -12.77
N ALA A 73 -14.61 -25.87 -12.25
CA ALA A 73 -15.87 -25.46 -12.86
C ALA A 73 -15.69 -24.49 -14.03
N ASP A 74 -14.63 -23.68 -14.00
CA ASP A 74 -14.43 -22.75 -15.09
C ASP A 74 -13.00 -22.85 -15.64
N PRO A 75 -12.81 -23.69 -16.68
CA PRO A 75 -11.46 -23.93 -17.25
C PRO A 75 -10.75 -22.70 -17.77
N SER A 76 -11.50 -21.66 -18.14
CA SER A 76 -10.90 -20.44 -18.66
C SER A 76 -10.00 -19.74 -17.64
N ILE A 77 -10.23 -20.01 -16.35
CA ILE A 77 -9.54 -19.29 -15.27
C ILE A 77 -8.05 -19.62 -15.32
N SER A 78 -7.72 -20.90 -15.29
CA SER A 78 -6.31 -21.27 -15.34
C SER A 78 -5.70 -21.00 -16.72
N GLU A 79 -6.53 -20.95 -17.76
CA GLU A 79 -6.10 -20.51 -19.08
C GLU A 79 -5.64 -19.06 -19.00
N ALA A 80 -6.50 -18.22 -18.44
CA ALA A 80 -6.16 -16.81 -18.20
C ALA A 80 -4.87 -16.68 -17.39
N ALA A 81 -4.76 -17.44 -16.30
CA ALA A 81 -3.59 -17.42 -15.43
C ALA A 81 -2.27 -17.69 -16.16
N ALA A 82 -2.24 -18.71 -17.03
CA ALA A 82 -1.02 -19.00 -17.82
C ALA A 82 -0.71 -17.84 -18.76
N CYS A 83 -1.77 -17.33 -19.40
CA CYS A 83 -1.66 -16.18 -20.28
C CYS A 83 -1.07 -14.94 -19.55
N ASP A 84 -1.43 -14.77 -18.27
CA ASP A 84 -0.96 -13.62 -17.49
C ASP A 84 0.53 -13.82 -17.17
N ILE A 85 0.95 -15.06 -16.98
CA ILE A 85 2.39 -15.33 -16.77
C ILE A 85 3.20 -14.84 -17.96
N CYS A 86 2.83 -15.30 -19.16
CA CYS A 86 3.50 -14.89 -20.41
C CYS A 86 3.47 -13.37 -20.60
N ALA A 87 2.33 -12.74 -20.31
CA ALA A 87 2.27 -11.27 -20.28
C ALA A 87 3.44 -10.66 -19.46
N THR A 88 3.61 -11.14 -18.22
CA THR A 88 4.59 -10.56 -17.31
C THR A 88 6.05 -10.84 -17.73
N VAL A 89 6.33 -12.07 -18.16
CA VAL A 89 7.67 -12.39 -18.68
C VAL A 89 8.01 -11.52 -19.89
N ASN A 90 7.08 -11.40 -20.84
CA ASN A 90 7.33 -10.63 -22.05
C ASN A 90 7.50 -9.15 -21.78
N ARG A 91 6.68 -8.59 -20.88
CA ARG A 91 6.62 -7.13 -20.70
C ARG A 91 7.58 -6.56 -19.67
N ASP A 92 7.97 -7.38 -18.70
CA ASP A 92 8.73 -6.87 -17.57
C ASP A 92 10.18 -7.36 -17.58
N PRO A 93 11.14 -6.47 -17.92
CA PRO A 93 12.56 -6.85 -18.01
C PRO A 93 13.12 -7.39 -16.70
N ALA A 94 12.55 -7.02 -15.56
CA ALA A 94 13.03 -7.58 -14.28
C ALA A 94 12.59 -9.04 -14.06
N VAL A 95 11.68 -9.52 -14.92
CA VAL A 95 11.18 -10.91 -14.85
C VAL A 95 11.56 -11.74 -16.08
N SER A 96 12.47 -12.70 -15.92
CA SER A 96 12.88 -13.51 -17.05
C SER A 96 12.49 -14.97 -16.87
N MET A 97 11.80 -15.30 -15.77
CA MET A 97 11.42 -16.68 -15.51
C MET A 97 9.93 -16.85 -15.29
N TYR A 98 9.39 -17.90 -15.90
CA TYR A 98 7.95 -18.15 -15.89
C TYR A 98 7.42 -18.49 -14.48
N SER A 99 8.28 -19.06 -13.62
CA SER A 99 7.88 -19.40 -12.25
C SER A 99 7.82 -18.18 -11.32
N MET A 100 8.49 -17.09 -11.70
CA MET A 100 8.57 -15.87 -10.90
C MET A 100 7.18 -15.24 -10.65
N PRO A 101 6.38 -14.97 -11.71
CA PRO A 101 5.07 -14.40 -11.38
C PRO A 101 4.28 -15.34 -10.46
N LEU A 102 4.29 -16.62 -10.79
CA LEU A 102 3.54 -17.63 -10.06
C LEU A 102 3.91 -17.68 -8.58
N LEU A 103 5.21 -17.65 -8.29
CA LEU A 103 5.69 -17.81 -6.93
C LEU A 103 5.72 -16.53 -6.10
N TYR A 104 6.05 -15.41 -6.73
CA TYR A 104 6.54 -14.25 -5.98
C TYR A 104 5.74 -12.97 -6.07
N LEU A 105 5.08 -12.72 -7.19
CA LEU A 105 4.62 -11.38 -7.47
C LEU A 105 3.17 -11.17 -6.99
N LYS A 106 3.01 -10.29 -6.02
CA LYS A 106 1.69 -10.03 -5.38
C LYS A 106 0.61 -9.54 -6.37
N GLY A 107 1.05 -8.87 -7.46
CA GLY A 107 0.17 -8.41 -8.53
C GLY A 107 -0.43 -9.60 -9.25
N TYR A 108 0.42 -10.57 -9.54
CA TYR A 108 -0.01 -11.84 -10.10
C TYR A 108 -1.00 -12.57 -9.14
N HIS A 109 -0.66 -12.66 -7.86
CA HIS A 109 -1.53 -13.32 -6.89
C HIS A 109 -2.87 -12.64 -6.78
N ALA A 110 -2.85 -11.31 -6.68
CA ALA A 110 -4.09 -10.52 -6.56
C ALA A 110 -5.05 -10.76 -7.71
N LEU A 111 -4.46 -10.86 -8.91
CA LEU A 111 -5.20 -11.02 -10.14
C LEU A 111 -5.86 -12.40 -10.21
N GLN A 112 -5.10 -13.46 -9.86
CA GLN A 112 -5.65 -14.80 -9.90
C GLN A 112 -6.64 -14.97 -8.75
N GLY A 113 -6.35 -14.31 -7.62
CA GLY A 113 -7.29 -14.22 -6.53
C GLY A 113 -8.61 -13.60 -6.99
N TYR A 114 -8.52 -12.50 -7.73
CA TYR A 114 -9.75 -11.92 -8.28
C TYR A 114 -10.52 -12.93 -9.15
N ARG A 115 -9.81 -13.76 -9.91
CA ARG A 115 -10.52 -14.68 -10.78
C ARG A 115 -11.39 -15.64 -9.97
N VAL A 116 -10.87 -16.08 -8.83
CA VAL A 116 -11.58 -16.98 -7.96
C VAL A 116 -12.75 -16.24 -7.31
N ALA A 117 -12.51 -15.02 -6.82
CA ALA A 117 -13.56 -14.22 -6.19
C ALA A 117 -14.70 -13.87 -7.16
N ASN A 118 -14.32 -13.56 -8.41
CA ASN A 118 -15.27 -13.31 -9.50
C ASN A 118 -16.10 -14.58 -9.79
N TRP A 119 -15.45 -15.73 -9.88
CA TRP A 119 -16.20 -17.00 -9.96
C TRP A 119 -17.22 -17.15 -8.83
N LEU A 120 -16.79 -16.92 -7.58
CA LEU A 120 -17.72 -16.93 -6.44
C LEU A 120 -18.88 -15.98 -6.63
N TRP A 121 -18.55 -14.76 -7.01
CA TRP A 121 -19.53 -13.73 -7.26
C TRP A 121 -20.55 -14.21 -8.26
N ARG A 122 -20.08 -14.76 -9.38
CA ARG A 122 -20.97 -15.31 -10.41
C ARG A 122 -21.87 -16.51 -9.99
N GLN A 123 -21.57 -17.16 -8.87
CA GLN A 123 -22.38 -18.24 -8.33
C GLN A 123 -23.30 -17.75 -7.20
N GLY A 124 -23.24 -16.46 -6.91
CA GLY A 124 -24.02 -15.86 -5.83
C GLY A 124 -23.43 -16.03 -4.44
N ARG A 125 -22.16 -16.45 -4.37
CA ARG A 125 -21.47 -16.58 -3.09
C ARG A 125 -20.73 -15.28 -2.84
N LYS A 126 -21.51 -14.25 -2.54
CA LYS A 126 -21.01 -12.88 -2.50
C LYS A 126 -20.29 -12.49 -1.21
N ALA A 127 -20.72 -13.06 -0.09
CA ALA A 127 -20.03 -12.87 1.17
C ALA A 127 -18.59 -13.43 1.09
N LEU A 128 -18.46 -14.63 0.52
CA LEU A 128 -17.16 -15.27 0.43
C LEU A 128 -16.31 -14.55 -0.64
N ALA A 129 -16.97 -14.11 -1.72
CA ALA A 129 -16.33 -13.28 -2.74
C ALA A 129 -15.76 -11.99 -2.13
N THR A 130 -16.55 -11.36 -1.27
CA THR A 130 -16.18 -10.15 -0.58
C THR A 130 -15.07 -10.40 0.45
N TYR A 131 -15.17 -11.52 1.15
CA TYR A 131 -14.17 -11.96 2.10
C TYR A 131 -12.79 -12.07 1.39
N PHE A 132 -12.75 -12.80 0.27
CA PHE A 132 -11.53 -12.97 -0.53
C PHE A 132 -10.98 -11.66 -1.07
N GLN A 133 -11.85 -10.84 -1.67
CA GLN A 133 -11.46 -9.49 -2.18
C GLN A 133 -10.68 -8.69 -1.15
N ASN A 134 -11.24 -8.60 0.05
CA ASN A 134 -10.65 -7.76 1.08
C ASN A 134 -9.44 -8.35 1.76
N GLN A 135 -9.36 -9.68 1.80
CA GLN A 135 -8.17 -10.36 2.25
C GLN A 135 -7.01 -10.13 1.27
N ILE A 136 -7.32 -10.09 -0.03
CA ILE A 136 -6.32 -9.82 -1.03
C ILE A 136 -5.83 -8.37 -0.93
N SER A 137 -6.75 -7.46 -0.62
CA SER A 137 -6.41 -6.07 -0.39
C SER A 137 -5.40 -5.91 0.75
N VAL A 138 -5.65 -6.63 1.84
CA VAL A 138 -4.80 -6.66 3.04
C VAL A 138 -3.46 -7.37 2.74
N ALA A 139 -3.52 -8.54 2.09
CA ALA A 139 -2.33 -9.37 1.87
C ALA A 139 -1.48 -8.98 0.66
N CYS A 140 -2.13 -8.57 -0.43
CA CYS A 140 -1.45 -8.18 -1.68
C CYS A 140 -1.53 -6.69 -1.97
N GLN A 141 -2.29 -5.95 -1.16
CA GLN A 141 -2.45 -4.49 -1.32
C GLN A 141 -3.02 -4.05 -2.69
N VAL A 142 -3.84 -4.96 -3.24
CA VAL A 142 -4.54 -4.73 -4.47
C VAL A 142 -6.03 -4.95 -4.16
N ASP A 143 -6.89 -3.99 -4.51
CA ASP A 143 -8.33 -4.06 -4.20
C ASP A 143 -9.11 -4.13 -5.50
N ILE A 144 -9.55 -5.33 -5.87
CA ILE A 144 -10.38 -5.50 -7.07
C ILE A 144 -11.75 -6.03 -6.71
N HIS A 145 -12.79 -5.28 -7.05
CA HIS A 145 -14.17 -5.77 -6.79
C HIS A 145 -14.38 -7.05 -7.56
N PRO A 146 -14.93 -8.09 -6.91
CA PRO A 146 -15.17 -9.37 -7.63
C PRO A 146 -16.11 -9.25 -8.83
N ALA A 147 -16.96 -8.21 -8.88
CA ALA A 147 -17.89 -8.01 -10.02
C ALA A 147 -17.21 -7.32 -11.20
N ALA A 148 -15.99 -6.83 -11.02
CA ALA A 148 -15.24 -6.28 -12.13
C ALA A 148 -15.01 -7.39 -13.20
N ARG A 149 -14.86 -6.97 -14.45
CA ARG A 149 -14.69 -7.90 -15.58
C ARG A 149 -13.28 -7.74 -16.15
N ILE A 150 -12.42 -8.70 -15.86
CA ILE A 150 -11.02 -8.59 -16.33
C ILE A 150 -10.64 -9.70 -17.29
N GLY A 151 -10.16 -9.33 -18.48
CA GLY A 151 -9.72 -10.32 -19.49
C GLY A 151 -8.42 -11.03 -19.09
N ARG A 152 -7.62 -11.39 -20.10
CA ARG A 152 -6.38 -12.16 -19.89
C ARG A 152 -5.17 -11.50 -20.58
N GLY A 153 -3.96 -11.95 -20.26
CA GLY A 153 -2.76 -11.25 -20.73
C GLY A 153 -2.60 -9.90 -20.05
N ILE A 154 -2.88 -9.89 -18.75
CA ILE A 154 -2.87 -8.68 -17.91
C ILE A 154 -1.60 -8.74 -17.09
N MET A 155 -0.89 -7.62 -17.03
CA MET A 155 0.23 -7.52 -16.12
C MET A 155 -0.08 -6.44 -15.07
N LEU A 156 -0.01 -6.83 -13.80
CA LEU A 156 -0.03 -5.83 -12.71
C LEU A 156 1.37 -5.80 -12.10
N ASP A 157 2.16 -4.82 -12.52
CA ASP A 157 3.55 -4.70 -12.07
C ASP A 157 3.62 -3.93 -10.74
N HIS A 158 4.32 -4.54 -9.76
CA HIS A 158 4.56 -3.98 -8.42
C HIS A 158 3.26 -3.94 -7.63
N ALA A 159 2.24 -3.27 -8.17
CA ALA A 159 0.84 -3.56 -7.79
C ALA A 159 0.32 -2.83 -6.55
N THR A 160 1.20 -2.46 -5.62
CA THR A 160 0.79 -1.78 -4.40
C THR A 160 -0.15 -0.61 -4.72
N GLY A 161 -1.30 -0.62 -4.05
CA GLY A 161 -2.28 0.44 -4.20
C GLY A 161 -3.19 0.33 -5.42
N ILE A 162 -3.18 -0.80 -6.13
CA ILE A 162 -4.14 -0.94 -7.25
C ILE A 162 -5.56 -1.05 -6.67
N VAL A 163 -6.47 -0.21 -7.20
CA VAL A 163 -7.90 -0.30 -6.93
C VAL A 163 -8.63 -0.40 -8.28
N ILE A 164 -9.53 -1.38 -8.38
CA ILE A 164 -10.35 -1.56 -9.54
C ILE A 164 -11.76 -1.82 -9.04
N GLY A 165 -12.66 -0.91 -9.32
CA GLY A 165 -14.00 -0.96 -8.73
C GLY A 165 -15.06 -1.81 -9.43
N GLU A 166 -16.23 -1.85 -8.79
CA GLU A 166 -17.31 -2.75 -9.13
C GLU A 166 -17.68 -2.88 -10.60
N THR A 167 -17.83 -1.76 -11.32
CA THR A 167 -18.38 -1.83 -12.68
C THR A 167 -17.28 -1.62 -13.74
N ALA A 168 -16.04 -1.81 -13.33
CA ALA A 168 -14.92 -1.64 -14.23
C ALA A 168 -14.80 -2.80 -15.21
N VAL A 169 -14.28 -2.49 -16.39
CA VAL A 169 -13.96 -3.53 -17.37
C VAL A 169 -12.50 -3.37 -17.79
N VAL A 170 -11.76 -4.47 -17.75
CA VAL A 170 -10.41 -4.47 -18.30
C VAL A 170 -10.26 -5.55 -19.36
N GLU A 171 -10.01 -5.13 -20.59
CA GLU A 171 -9.93 -6.07 -21.70
C GLU A 171 -8.60 -6.77 -21.75
N ASP A 172 -8.43 -7.72 -22.68
CA ASP A 172 -7.17 -8.47 -22.81
C ASP A 172 -6.04 -7.53 -23.05
N ASP A 173 -4.84 -8.00 -22.69
CA ASP A 173 -3.58 -7.36 -23.06
C ASP A 173 -3.43 -5.92 -22.56
N VAL A 174 -3.59 -5.76 -21.26
CA VAL A 174 -3.42 -4.47 -20.62
C VAL A 174 -2.31 -4.55 -19.59
N SER A 175 -1.57 -3.47 -19.44
CA SER A 175 -0.55 -3.35 -18.40
C SER A 175 -0.84 -2.21 -17.44
N ILE A 176 -0.73 -2.49 -16.15
CA ILE A 176 -1.17 -1.57 -15.08
C ILE A 176 -0.10 -1.62 -14.00
N LEU A 177 0.47 -0.45 -13.70
CA LEU A 177 1.50 -0.32 -12.68
C LEU A 177 0.91 0.03 -11.32
N GLN A 178 1.78 0.13 -10.30
CA GLN A 178 1.42 0.43 -8.91
C GLN A 178 0.59 1.69 -8.79
N ASP A 179 -0.22 1.72 -7.73
CA ASP A 179 -1.00 2.89 -7.38
C ASP A 179 -1.90 3.39 -8.51
N VAL A 180 -2.42 2.48 -9.31
CA VAL A 180 -3.37 2.89 -10.32
C VAL A 180 -4.78 2.69 -9.79
N THR A 181 -5.65 3.67 -10.00
CA THR A 181 -7.06 3.53 -9.64
C THR A 181 -7.97 3.46 -10.88
N LEU A 182 -8.82 2.43 -10.94
CA LEU A 182 -9.96 2.42 -11.88
C LEU A 182 -11.19 2.64 -11.03
N GLY A 183 -11.52 3.90 -10.86
CA GLY A 183 -12.41 4.29 -9.80
C GLY A 183 -13.77 4.81 -10.21
N GLY A 184 -14.65 4.86 -9.21
CA GLY A 184 -16.04 5.27 -9.37
C GLY A 184 -16.24 6.74 -9.07
N THR A 185 -17.46 7.20 -9.30
CA THR A 185 -17.83 8.55 -8.93
C THR A 185 -19.27 8.51 -8.40
N GLY A 186 -19.58 9.43 -7.48
CA GLY A 186 -20.93 9.57 -6.89
C GLY A 186 -21.30 8.53 -5.85
N LYS A 187 -22.45 8.74 -5.21
CA LYS A 187 -22.90 7.80 -4.19
C LYS A 187 -23.95 6.81 -4.71
N GLU A 188 -24.43 7.02 -5.94
CA GLU A 188 -25.47 6.18 -6.55
C GLU A 188 -24.93 4.86 -7.10
N CYS A 189 -25.71 3.80 -6.94
CA CYS A 189 -25.47 2.54 -7.63
C CYS A 189 -25.58 2.75 -9.16
N GLY A 190 -24.89 1.90 -9.93
CA GLY A 190 -24.94 2.01 -11.39
C GLY A 190 -23.59 2.09 -12.06
N ASP A 191 -23.59 2.06 -13.39
CA ASP A 191 -22.33 1.97 -14.14
C ASP A 191 -21.53 3.26 -13.97
N ARG A 192 -20.36 3.15 -13.32
CA ARG A 192 -19.64 4.34 -12.86
C ARG A 192 -18.12 4.15 -12.82
N HIS A 193 -17.62 3.08 -13.43
CA HIS A 193 -16.18 2.78 -13.46
C HIS A 193 -15.73 2.65 -14.88
N PRO A 194 -14.43 2.86 -15.13
CA PRO A 194 -13.88 2.94 -16.48
C PRO A 194 -13.99 1.62 -17.23
N LYS A 195 -13.99 1.72 -18.56
CA LYS A 195 -13.85 0.60 -19.46
C LYS A 195 -12.50 0.70 -20.17
N ILE A 196 -11.56 -0.17 -19.81
CA ILE A 196 -10.22 -0.09 -20.37
C ILE A 196 -10.13 -1.10 -21.49
N ARG A 197 -9.98 -0.61 -22.71
CA ARG A 197 -10.02 -1.51 -23.84
C ARG A 197 -8.66 -2.12 -24.11
N GLU A 198 -8.65 -3.02 -25.08
CA GLU A 198 -7.50 -3.85 -25.36
C GLU A 198 -6.26 -3.02 -25.71
N GLY A 199 -5.13 -3.42 -25.14
CA GLY A 199 -3.83 -2.86 -25.51
C GLY A 199 -3.35 -1.67 -24.71
N VAL A 200 -4.16 -1.22 -23.75
CA VAL A 200 -3.85 -0.02 -22.96
C VAL A 200 -2.71 -0.21 -21.97
N MET A 201 -1.81 0.78 -21.91
CA MET A 201 -0.84 0.81 -20.82
C MET A 201 -1.22 1.92 -19.83
N ILE A 202 -1.18 1.60 -18.54
CA ILE A 202 -1.45 2.61 -17.52
C ILE A 202 -0.26 2.81 -16.59
N GLY A 203 0.39 3.96 -16.73
CA GLY A 203 1.60 4.29 -15.95
C GLY A 203 1.28 4.42 -14.45
N ALA A 204 2.31 4.28 -13.61
CA ALA A 204 2.16 4.33 -12.15
C ALA A 204 1.40 5.55 -11.65
N GLY A 205 0.54 5.33 -10.67
CA GLY A 205 -0.19 6.43 -10.04
C GLY A 205 -1.32 7.05 -10.83
N ALA A 206 -1.59 6.57 -12.04
CA ALA A 206 -2.71 7.14 -12.81
C ALA A 206 -4.04 6.89 -12.09
N LYS A 207 -4.91 7.89 -12.08
CA LYS A 207 -6.27 7.71 -11.60
C LYS A 207 -7.27 7.94 -12.73
N ILE A 208 -8.14 6.94 -12.96
CA ILE A 208 -9.18 7.04 -13.97
C ILE A 208 -10.55 6.84 -13.31
N LEU A 209 -11.43 7.80 -13.49
CA LEU A 209 -12.61 7.88 -12.64
C LEU A 209 -13.88 8.07 -13.44
N GLY A 210 -14.92 7.34 -13.07
CA GLY A 210 -16.20 7.41 -13.80
C GLY A 210 -16.36 6.38 -14.89
N ASN A 211 -17.58 6.30 -15.42
CA ASN A 211 -17.95 5.40 -16.50
C ASN A 211 -17.50 5.98 -17.86
N ILE A 212 -16.20 5.88 -18.11
CA ILE A 212 -15.61 6.45 -19.30
C ILE A 212 -14.81 5.39 -20.01
N GLU A 213 -14.80 5.44 -21.33
CA GLU A 213 -13.98 4.52 -22.10
C GLU A 213 -12.55 4.98 -22.20
N VAL A 214 -11.62 4.05 -22.05
CA VAL A 214 -10.26 4.31 -22.49
C VAL A 214 -10.05 3.43 -23.70
N GLY A 215 -9.99 4.06 -24.88
CA GLY A 215 -10.04 3.35 -26.14
C GLY A 215 -8.84 2.46 -26.38
N GLU A 216 -8.96 1.59 -27.37
CA GLU A 216 -7.97 0.56 -27.67
C GLU A 216 -6.57 1.16 -27.95
N GLY A 217 -5.56 0.53 -27.34
CA GLY A 217 -4.17 0.98 -27.47
C GLY A 217 -3.85 2.39 -27.01
N ALA A 218 -4.68 2.96 -26.13
CA ALA A 218 -4.36 4.25 -25.53
C ALA A 218 -3.23 4.06 -24.51
N LYS A 219 -2.48 5.13 -24.27
CA LYS A 219 -1.41 5.08 -23.27
C LYS A 219 -1.75 6.15 -22.24
N ILE A 220 -1.88 5.75 -20.98
CA ILE A 220 -2.17 6.68 -19.88
C ILE A 220 -0.88 6.98 -19.14
N GLY A 221 -0.43 8.22 -19.25
CA GLY A 221 0.81 8.63 -18.62
C GLY A 221 0.72 8.45 -17.11
N SER A 222 1.87 8.15 -16.51
CA SER A 222 2.04 8.12 -15.07
C SER A 222 1.53 9.39 -14.40
N GLY A 223 0.79 9.22 -13.30
CA GLY A 223 0.38 10.37 -12.50
C GLY A 223 -0.80 11.12 -13.09
N SER A 224 -1.37 10.62 -14.19
CA SER A 224 -2.52 11.26 -14.82
C SER A 224 -3.82 11.08 -14.04
N VAL A 225 -4.70 12.09 -14.12
CA VAL A 225 -6.04 11.97 -13.58
C VAL A 225 -7.01 12.12 -14.76
N VAL A 226 -7.71 11.04 -15.07
CA VAL A 226 -8.47 10.97 -16.30
C VAL A 226 -9.97 10.99 -15.97
N LEU A 227 -10.68 12.02 -16.46
CA LEU A 227 -12.10 12.23 -16.07
C LEU A 227 -13.05 12.17 -17.27
N GLN A 228 -12.45 12.10 -18.45
CA GLN A 228 -13.17 12.08 -19.71
C GLN A 228 -12.67 10.91 -20.55
N ALA A 229 -13.49 10.45 -21.48
CA ALA A 229 -13.13 9.38 -22.44
C ALA A 229 -11.82 9.67 -23.15
N VAL A 230 -10.97 8.64 -23.30
CA VAL A 230 -9.72 8.75 -24.04
C VAL A 230 -9.85 8.08 -25.41
N PRO A 231 -9.64 8.84 -26.50
CA PRO A 231 -9.70 8.26 -27.84
C PRO A 231 -8.72 7.10 -27.98
N PRO A 232 -9.08 6.08 -28.78
CA PRO A 232 -8.16 4.97 -29.00
C PRO A 232 -6.82 5.46 -29.56
N HIS A 233 -5.73 4.76 -29.25
CA HIS A 233 -4.41 5.10 -29.82
C HIS A 233 -3.99 6.53 -29.54
N THR A 234 -4.27 6.96 -28.32
CA THR A 234 -3.98 8.31 -27.88
C THR A 234 -3.15 8.25 -26.58
N THR A 235 -2.28 9.23 -26.36
CA THR A 235 -1.53 9.34 -25.11
C THR A 235 -2.04 10.52 -24.29
N VAL A 236 -2.47 10.26 -23.05
CA VAL A 236 -2.90 11.35 -22.18
C VAL A 236 -1.97 11.48 -20.96
N ALA A 237 -1.85 12.70 -20.45
CA ALA A 237 -1.01 13.01 -19.29
C ALA A 237 -1.52 14.29 -18.63
N GLY A 238 -1.25 14.49 -17.35
CA GLY A 238 -1.58 15.74 -16.66
C GLY A 238 -2.65 15.54 -15.59
N VAL A 239 -2.92 16.58 -14.80
CA VAL A 239 -4.00 16.58 -13.78
C VAL A 239 -4.81 17.87 -13.99
N PRO A 240 -5.98 17.79 -14.66
CA PRO A 240 -6.58 16.59 -15.25
C PRO A 240 -5.92 16.29 -16.60
N ALA A 241 -6.03 15.05 -17.08
CA ALA A 241 -5.31 14.62 -18.27
C ALA A 241 -5.83 15.23 -19.59
N ARG A 242 -4.92 15.50 -20.50
CA ARG A 242 -5.34 15.93 -21.83
C ARG A 242 -4.45 15.21 -22.85
N ILE A 243 -4.83 15.23 -24.12
CA ILE A 243 -4.07 14.54 -25.14
C ILE A 243 -2.70 15.21 -25.32
N VAL A 244 -1.63 14.44 -25.25
CA VAL A 244 -0.29 14.99 -25.37
C VAL A 244 0.49 14.34 -26.50
N GLY A 245 -0.09 13.33 -27.13
CA GLY A 245 0.56 12.64 -28.24
C GLY A 245 -0.16 11.35 -28.63
N ARG A 246 0.52 10.54 -29.44
CA ARG A 246 -0.03 9.26 -29.89
C ARG A 246 1.03 8.18 -29.90
N PRO A 247 0.72 7.00 -29.36
CA PRO A 247 1.70 5.93 -29.36
C PRO A 247 1.89 5.34 -30.76
N GLN A 248 3.11 4.88 -31.03
CA GLN A 248 3.46 4.29 -32.31
C GLN A 248 3.03 2.83 -32.45
N SER A 249 3.13 2.02 -31.41
CA SER A 249 2.60 0.65 -31.49
C SER A 249 1.08 0.63 -31.24
N ASP A 250 0.41 -0.39 -31.79
CA ASP A 250 -1.04 -0.59 -31.61
C ASP A 250 -1.42 -0.98 -30.19
N LYS A 251 -0.46 -1.52 -29.47
CA LYS A 251 -0.69 -2.03 -28.12
C LYS A 251 0.46 -1.64 -27.20
N PRO A 252 0.44 -0.40 -26.69
CA PRO A 252 1.56 0.06 -25.83
C PRO A 252 1.73 -0.75 -24.55
N SER A 253 0.70 -1.51 -24.15
CA SER A 253 0.82 -2.44 -23.01
C SER A 253 1.93 -3.47 -23.24
N LEU A 254 2.22 -3.73 -24.50
CA LEU A 254 3.25 -4.71 -24.86
C LEU A 254 4.67 -4.16 -24.74
N ASP A 255 4.82 -2.85 -24.90
CA ASP A 255 6.15 -2.23 -24.97
C ASP A 255 6.55 -1.48 -23.70
N MET A 256 5.56 -1.01 -22.94
CA MET A 256 5.80 -0.33 -21.65
C MET A 256 6.69 0.91 -21.73
N ASP A 257 6.58 1.67 -22.83
CA ASP A 257 7.29 2.94 -22.96
C ASP A 257 6.57 3.98 -22.10
N GLN A 258 7.28 4.47 -21.09
CA GLN A 258 6.71 5.33 -20.06
C GLN A 258 6.80 6.81 -20.42
N GLN A 259 7.62 7.14 -21.42
CA GLN A 259 7.74 8.53 -21.88
C GLN A 259 6.44 9.03 -22.48
N PHE A 260 6.13 10.27 -22.18
CA PHE A 260 5.07 10.94 -22.90
C PHE A 260 5.53 12.30 -23.37
N ASN A 261 4.61 13.01 -24.03
CA ASN A 261 4.94 13.90 -25.14
C ASN A 261 5.49 12.95 -26.23
N GLY A 262 4.68 11.91 -26.50
CA GLY A 262 5.04 10.78 -27.37
C GLY A 262 4.64 9.43 -26.79
N ALA B 5 29.43 7.11 16.19
CA ALA B 5 27.97 6.99 16.32
C ALA B 5 27.57 5.60 16.83
N HIS B 6 28.02 4.55 16.14
CA HIS B 6 27.66 3.13 16.44
C HIS B 6 27.30 2.85 17.88
N THR B 7 28.28 2.96 18.76
CA THR B 7 28.14 2.56 20.18
C THR B 7 27.18 3.47 20.94
N LYS B 8 27.26 4.77 20.69
CA LYS B 8 26.40 5.77 21.32
C LYS B 8 24.92 5.53 20.95
N VAL B 9 24.70 5.11 19.71
CA VAL B 9 23.35 4.87 19.21
C VAL B 9 22.73 3.68 19.94
N TRP B 10 23.49 2.58 19.99
CA TRP B 10 23.07 1.38 20.69
C TRP B 10 22.81 1.60 22.15
N GLN B 11 23.70 2.31 22.84
CA GLN B 11 23.52 2.62 24.25
C GLN B 11 22.29 3.47 24.55
N THR B 12 22.00 4.42 23.66
CA THR B 12 20.79 5.24 23.75
C THR B 12 19.53 4.38 23.53
N ILE B 13 19.56 3.51 22.54
CA ILE B 13 18.46 2.57 22.25
C ILE B 13 18.15 1.68 23.47
N VAL B 14 19.19 1.11 24.07
CA VAL B 14 19.05 0.31 25.29
C VAL B 14 18.44 1.13 26.45
N ALA B 15 18.93 2.37 26.65
CA ALA B 15 18.39 3.24 27.71
C ALA B 15 16.92 3.58 27.48
N GLU B 16 16.56 3.91 26.24
CA GLU B 16 15.14 4.17 25.93
C GLU B 16 14.32 2.91 26.20
N ALA B 17 14.87 1.79 25.77
CA ALA B 17 14.19 0.52 25.89
C ALA B 17 13.86 0.21 27.34
N ARG B 18 14.85 0.39 28.22
CA ARG B 18 14.64 0.18 29.66
C ARG B 18 13.54 1.07 30.19
N GLU B 19 13.53 2.31 29.72
CA GLU B 19 12.55 3.31 30.14
C GLU B 19 11.15 2.93 29.68
N GLN B 20 11.04 2.45 28.45
CA GLN B 20 9.75 2.07 27.88
C GLN B 20 9.21 0.79 28.48
N ALA B 21 10.10 -0.15 28.77
CA ALA B 21 9.71 -1.39 29.43
C ALA B 21 9.01 -1.11 30.77
N GLU B 22 9.44 -0.07 31.49
CA GLU B 22 8.84 0.28 32.79
C GLU B 22 7.50 1.01 32.66
N GLN B 23 7.33 1.79 31.59
CA GLN B 23 6.08 2.50 31.35
C GLN B 23 4.97 1.58 30.87
N GLU B 24 5.32 0.58 30.07
CA GLU B 24 4.32 -0.25 29.42
C GLU B 24 4.53 -1.72 29.75
N PRO B 25 3.81 -2.23 30.76
CA PRO B 25 3.94 -3.64 31.13
C PRO B 25 3.49 -4.64 30.04
N MET B 26 2.53 -4.26 29.18
CA MET B 26 2.17 -5.09 28.02
C MET B 26 3.36 -5.32 27.06
N LEU B 27 4.32 -4.41 27.09
CA LEU B 27 5.46 -4.44 26.18
C LEU B 27 6.82 -4.62 26.88
N ALA B 28 6.82 -4.84 28.20
CA ALA B 28 8.11 -5.00 28.92
C ALA B 28 8.95 -6.12 28.29
N SER B 29 8.32 -7.27 28.04
CA SER B 29 9.01 -8.45 27.49
C SER B 29 9.46 -8.28 26.03
N PHE B 30 8.63 -7.61 25.25
CA PHE B 30 8.95 -7.22 23.89
C PHE B 30 10.24 -6.36 23.85
N TYR B 31 10.27 -5.34 24.69
CA TYR B 31 11.47 -4.48 24.81
C TYR B 31 12.71 -5.26 25.30
N HIS B 32 12.47 -6.18 26.22
CA HIS B 32 13.56 -6.99 26.73
C HIS B 32 14.10 -7.93 25.69
N ALA B 33 13.20 -8.60 24.97
CA ALA B 33 13.60 -9.63 24.00
C ALA B 33 14.27 -9.08 22.75
N THR B 34 13.80 -7.91 22.29
CA THR B 34 14.34 -7.31 21.10
C THR B 34 15.57 -6.50 21.42
N ILE B 35 15.53 -5.74 22.52
CA ILE B 35 16.61 -4.78 22.81
C ILE B 35 17.49 -5.05 24.04
N ILE B 36 16.87 -5.06 25.22
CA ILE B 36 17.58 -5.00 26.50
C ILE B 36 18.50 -6.22 26.71
N LYS B 37 18.06 -7.39 26.26
CA LYS B 37 18.86 -8.61 26.27
C LYS B 37 20.17 -8.51 25.49
N HIS B 38 20.24 -7.55 24.56
CA HIS B 38 21.29 -7.59 23.54
C HIS B 38 22.38 -6.58 23.69
N ASP B 39 23.54 -6.89 23.12
CA ASP B 39 24.67 -6.00 23.24
C ASP B 39 25.10 -5.35 21.92
N SER B 40 24.27 -5.45 20.88
CA SER B 40 24.53 -4.74 19.63
C SER B 40 23.26 -4.54 18.80
N LEU B 41 23.30 -3.54 17.93
CA LEU B 41 22.24 -3.34 16.97
C LEU B 41 21.97 -4.58 16.14
N LYS B 42 23.01 -5.35 15.78
CA LYS B 42 22.82 -6.52 14.91
C LYS B 42 21.83 -7.57 15.47
N ALA B 43 21.96 -7.90 16.76
CA ALA B 43 21.10 -8.87 17.41
C ALA B 43 19.64 -8.37 17.46
N ALA B 44 19.46 -7.09 17.81
CA ALA B 44 18.14 -6.48 17.89
C ALA B 44 17.52 -6.45 16.49
N LEU B 45 18.29 -6.01 15.51
CA LEU B 45 17.74 -5.83 14.17
C LEU B 45 17.44 -7.15 13.47
N SER B 46 18.33 -8.14 13.61
CA SER B 46 18.05 -9.49 13.07
C SER B 46 16.73 -10.09 13.59
N TYR B 47 16.46 -9.86 14.88
CA TYR B 47 15.24 -10.36 15.53
C TYR B 47 13.99 -9.69 14.99
N ILE B 48 14.00 -8.36 14.98
CA ILE B 48 12.87 -7.60 14.46
C ILE B 48 12.66 -7.91 12.99
N LEU B 49 13.73 -7.93 12.21
CA LEU B 49 13.60 -8.22 10.77
C LEU B 49 13.06 -9.62 10.49
N ALA B 50 13.50 -10.59 11.27
CA ALA B 50 13.08 -11.97 11.09
C ALA B 50 11.58 -12.11 11.22
N ASN B 51 11.01 -11.48 12.25
CA ASN B 51 9.57 -11.43 12.46
C ASN B 51 8.76 -10.79 11.33
N ARG B 52 9.33 -9.75 10.71
CA ARG B 52 8.66 -9.10 9.59
C ARG B 52 8.72 -9.97 8.34
N LEU B 53 9.84 -10.67 8.15
CA LEU B 53 10.04 -11.53 6.99
C LEU B 53 9.44 -12.94 7.15
N ASN B 54 8.88 -13.22 8.33
CA ASN B 54 8.31 -14.52 8.65
C ASN B 54 7.29 -14.96 7.60
N THR B 55 7.47 -16.17 7.04
CA THR B 55 6.49 -16.81 6.17
C THR B 55 6.34 -18.28 6.53
N ALA B 56 5.19 -18.84 6.20
CA ALA B 56 4.91 -20.26 6.38
C ALA B 56 6.09 -21.09 5.93
N SER B 57 6.60 -20.80 4.73
CA SER B 57 7.69 -21.61 4.14
C SER B 57 9.06 -21.31 4.75
N MET B 58 9.26 -20.12 5.28
CA MET B 58 10.49 -19.85 6.01
C MET B 58 10.23 -19.03 7.28
N PRO B 59 10.00 -19.71 8.42
CA PRO B 59 9.64 -19.00 9.66
C PRO B 59 10.75 -18.10 10.17
N ALA B 60 10.38 -17.10 10.96
CA ALA B 60 11.28 -16.13 11.57
C ALA B 60 12.60 -16.71 12.04
N MET B 61 12.51 -17.74 12.89
CA MET B 61 13.70 -18.31 13.50
C MET B 61 14.73 -18.74 12.44
N ALA B 62 14.25 -19.24 11.31
CA ALA B 62 15.13 -19.66 10.21
C ALA B 62 15.67 -18.45 9.45
N VAL B 63 14.78 -17.51 9.11
CA VAL B 63 15.19 -16.28 8.44
C VAL B 63 16.30 -15.56 9.23
N ARG B 64 16.14 -15.53 10.54
CA ARG B 64 17.08 -14.81 11.39
C ARG B 64 18.53 -15.22 11.13
N GLU B 65 18.78 -16.49 10.87
CA GLU B 65 20.14 -16.99 10.62
C GLU B 65 20.70 -16.41 9.32
N VAL B 66 19.87 -16.32 8.30
CA VAL B 66 20.24 -15.65 7.05
C VAL B 66 20.59 -14.17 7.24
N ILE B 67 19.80 -13.46 8.02
CA ILE B 67 20.07 -12.07 8.26
C ILE B 67 21.42 -11.90 8.98
N GLU B 68 21.65 -12.67 10.04
CA GLU B 68 22.92 -12.65 10.80
C GLU B 68 24.15 -13.01 9.96
N GLU B 69 24.00 -13.96 9.02
CA GLU B 69 25.13 -14.35 8.17
C GLU B 69 25.59 -13.15 7.36
N ALA B 70 24.62 -12.42 6.82
CA ALA B 70 24.84 -11.17 6.07
C ALA B 70 25.49 -10.08 6.93
N PHE B 71 25.04 -9.97 8.18
CA PHE B 71 25.55 -8.97 9.11
C PHE B 71 27.04 -9.28 9.45
N ALA B 72 27.33 -10.56 9.70
CA ALA B 72 28.70 -11.02 9.94
C ALA B 72 29.62 -10.89 8.71
N ALA B 73 29.11 -11.19 7.52
CA ALA B 73 29.95 -11.19 6.33
C ALA B 73 30.24 -9.80 5.79
N ASP B 74 29.34 -8.84 6.07
CA ASP B 74 29.46 -7.48 5.55
C ASP B 74 29.12 -6.49 6.67
N PRO B 75 30.17 -5.97 7.35
CA PRO B 75 30.00 -5.05 8.48
C PRO B 75 29.43 -3.72 8.04
N SER B 76 29.48 -3.41 6.75
CA SER B 76 28.96 -2.12 6.29
C SER B 76 27.42 -2.05 6.41
N ILE B 77 26.79 -3.23 6.47
CA ILE B 77 25.32 -3.33 6.57
C ILE B 77 24.76 -2.79 7.90
N SER B 78 25.29 -3.27 9.04
CA SER B 78 24.86 -2.77 10.37
C SER B 78 25.19 -1.29 10.56
N GLU B 79 26.32 -0.86 9.99
CA GLU B 79 26.74 0.53 10.03
C GLU B 79 25.75 1.41 9.31
N ALA B 80 25.35 0.97 8.12
CA ALA B 80 24.36 1.70 7.34
C ALA B 80 23.05 1.74 8.13
N ALA B 81 22.71 0.62 8.79
CA ALA B 81 21.49 0.52 9.56
C ALA B 81 21.51 1.54 10.69
N ALA B 82 22.67 1.66 11.37
CA ALA B 82 22.89 2.66 12.41
C ALA B 82 22.69 4.09 11.90
N CYS B 83 23.29 4.39 10.77
CA CYS B 83 23.22 5.68 10.09
C CYS B 83 21.77 6.07 9.74
N ASP B 84 21.02 5.11 9.21
CA ASP B 84 19.59 5.32 8.82
C ASP B 84 18.72 5.67 10.01
N ILE B 85 19.04 5.13 11.17
CA ILE B 85 18.31 5.46 12.40
C ILE B 85 18.47 6.94 12.70
N CYS B 86 19.74 7.38 12.71
CA CYS B 86 20.08 8.78 12.96
C CYS B 86 19.41 9.70 11.96
N ALA B 87 19.47 9.32 10.67
CA ALA B 87 18.80 10.05 9.59
C ALA B 87 17.32 10.26 9.93
N THR B 88 16.63 9.21 10.36
CA THR B 88 15.19 9.30 10.70
C THR B 88 14.92 10.17 11.94
N VAL B 89 15.68 9.96 13.01
CA VAL B 89 15.53 10.78 14.20
C VAL B 89 15.69 12.27 13.86
N ASN B 90 16.77 12.61 13.14
CA ASN B 90 17.09 14.00 12.76
C ASN B 90 16.04 14.66 11.86
N ARG B 91 15.48 13.89 10.93
CA ARG B 91 14.70 14.46 9.86
C ARG B 91 13.18 14.40 10.09
N ASP B 92 12.72 13.42 10.86
CA ASP B 92 11.28 13.27 11.12
C ASP B 92 10.91 13.84 12.48
N PRO B 93 10.29 15.02 12.48
CA PRO B 93 9.79 15.60 13.71
C PRO B 93 8.93 14.65 14.55
N ALA B 94 8.27 13.67 13.93
CA ALA B 94 7.47 12.67 14.68
C ALA B 94 8.29 11.52 15.28
N VAL B 95 9.61 11.56 15.07
CA VAL B 95 10.49 10.57 15.68
C VAL B 95 11.60 11.27 16.48
N SER B 96 11.56 11.10 17.79
CA SER B 96 12.57 11.65 18.66
C SER B 96 13.29 10.56 19.46
N MET B 97 13.02 9.30 19.19
CA MET B 97 13.67 8.17 19.88
C MET B 97 14.38 7.26 18.86
N TYR B 98 15.63 6.92 19.16
CA TYR B 98 16.47 6.06 18.29
C TYR B 98 15.95 4.63 18.18
N SER B 99 15.17 4.20 19.17
CA SER B 99 14.62 2.85 19.16
C SER B 99 13.36 2.72 18.31
N MET B 100 12.73 3.85 17.97
CA MET B 100 11.51 3.87 17.15
C MET B 100 11.66 3.31 15.71
N PRO B 101 12.67 3.81 14.93
CA PRO B 101 12.83 3.22 13.61
C PRO B 101 13.08 1.73 13.71
N LEU B 102 13.98 1.34 14.61
CA LEU B 102 14.35 -0.06 14.79
C LEU B 102 13.13 -0.97 15.04
N LEU B 103 12.25 -0.51 15.92
CA LEU B 103 11.17 -1.35 16.40
C LEU B 103 9.91 -1.25 15.56
N TYR B 104 9.62 -0.05 15.04
CA TYR B 104 8.26 0.25 14.61
C TYR B 104 8.07 0.58 13.16
N LEU B 105 9.10 1.14 12.53
CA LEU B 105 8.90 1.78 11.22
C LEU B 105 9.18 0.85 10.05
N LYS B 106 8.12 0.55 9.30
CA LYS B 106 8.19 -0.38 8.15
C LYS B 106 9.15 0.08 7.03
N GLY B 107 9.27 1.40 6.85
CA GLY B 107 10.21 1.96 5.87
C GLY B 107 11.64 1.61 6.25
N TYR B 108 11.92 1.70 7.55
CA TYR B 108 13.20 1.31 8.11
C TYR B 108 13.43 -0.21 7.96
N HIS B 109 12.43 -0.99 8.36
CA HIS B 109 12.48 -2.46 8.22
C HIS B 109 12.74 -2.85 6.80
N ALA B 110 12.03 -2.21 5.87
CA ALA B 110 12.09 -2.56 4.46
C ALA B 110 13.49 -2.30 3.87
N LEU B 111 14.08 -1.18 4.28
CA LEU B 111 15.40 -0.75 3.82
C LEU B 111 16.48 -1.68 4.33
N GLN B 112 16.41 -2.01 5.61
CA GLN B 112 17.39 -2.95 6.14
C GLN B 112 17.18 -4.36 5.54
N GLY B 113 15.91 -4.72 5.31
CA GLY B 113 15.58 -5.95 4.57
C GLY B 113 16.20 -5.98 3.18
N TYR B 114 16.07 -4.86 2.46
CA TYR B 114 16.73 -4.70 1.17
C TYR B 114 18.24 -5.02 1.30
N ARG B 115 18.88 -4.51 2.35
CA ARG B 115 20.32 -4.72 2.54
C ARG B 115 20.67 -6.19 2.65
N VAL B 116 19.81 -6.97 3.30
CA VAL B 116 20.02 -8.41 3.35
C VAL B 116 19.74 -9.05 2.00
N ALA B 117 18.68 -8.60 1.34
CA ALA B 117 18.37 -9.18 0.04
C ALA B 117 19.50 -8.87 -0.97
N ASN B 118 19.98 -7.64 -0.97
CA ASN B 118 21.09 -7.21 -1.82
C ASN B 118 22.38 -8.04 -1.59
N TRP B 119 22.73 -8.25 -0.33
CA TRP B 119 23.84 -9.13 0.02
C TRP B 119 23.63 -10.50 -0.58
N LEU B 120 22.45 -11.07 -0.39
CA LEU B 120 22.15 -12.40 -0.98
C LEU B 120 22.37 -12.41 -2.49
N TRP B 121 21.84 -11.37 -3.14
CA TRP B 121 21.98 -11.17 -4.58
C TRP B 121 23.42 -11.10 -5.03
N ARG B 122 24.23 -10.34 -4.30
CA ARG B 122 25.67 -10.32 -4.53
C ARG B 122 26.39 -11.66 -4.30
N GLN B 123 25.82 -12.56 -3.49
CA GLN B 123 26.39 -13.88 -3.34
C GLN B 123 25.96 -14.84 -4.45
N GLY B 124 25.06 -14.43 -5.33
CA GLY B 124 24.46 -15.36 -6.29
C GLY B 124 23.20 -16.08 -5.77
N ARG B 125 22.80 -15.75 -4.55
CA ARG B 125 21.64 -16.40 -3.95
C ARG B 125 20.39 -15.63 -4.31
N LYS B 126 20.03 -15.72 -5.59
CA LYS B 126 19.03 -14.83 -6.17
C LYS B 126 17.59 -15.24 -5.92
N ALA B 127 17.34 -16.54 -5.81
CA ALA B 127 15.99 -17.00 -5.53
C ALA B 127 15.59 -16.48 -4.15
N LEU B 128 16.46 -16.67 -3.17
CA LEU B 128 16.27 -16.22 -1.81
C LEU B 128 16.15 -14.69 -1.72
N ALA B 129 16.94 -13.97 -2.49
CA ALA B 129 16.88 -12.50 -2.52
C ALA B 129 15.53 -12.03 -3.05
N THR B 130 15.06 -12.70 -4.10
CA THR B 130 13.74 -12.41 -4.70
C THR B 130 12.60 -12.78 -3.71
N TYR B 131 12.78 -13.90 -3.01
CA TYR B 131 11.84 -14.35 -1.98
C TYR B 131 11.69 -13.24 -0.92
N PHE B 132 12.82 -12.76 -0.42
CA PHE B 132 12.91 -11.65 0.53
C PHE B 132 12.29 -10.34 0.01
N GLN B 133 12.67 -9.91 -1.18
CA GLN B 133 12.18 -8.67 -1.76
C GLN B 133 10.64 -8.61 -1.74
N ASN B 134 10.04 -9.71 -2.15
CA ASN B 134 8.61 -9.78 -2.36
C ASN B 134 7.85 -10.00 -1.05
N GLN B 135 8.48 -10.67 -0.09
CA GLN B 135 7.93 -10.76 1.26
C GLN B 135 7.93 -9.35 1.89
N ILE B 136 9.04 -8.63 1.77
CA ILE B 136 9.10 -7.24 2.21
C ILE B 136 8.01 -6.42 1.52
N SER B 137 7.83 -6.64 0.22
CA SER B 137 6.79 -5.90 -0.49
C SER B 137 5.37 -6.18 0.08
N VAL B 138 5.12 -7.43 0.47
CA VAL B 138 3.82 -7.79 1.03
C VAL B 138 3.70 -7.32 2.48
N ALA B 139 4.79 -7.45 3.25
CA ALA B 139 4.74 -7.18 4.69
C ALA B 139 4.98 -5.72 5.05
N CYS B 140 5.82 -5.01 4.27
CA CYS B 140 6.13 -3.60 4.55
C CYS B 140 5.56 -2.67 3.49
N GLN B 141 5.08 -3.27 2.40
CA GLN B 141 4.54 -2.50 1.25
C GLN B 141 5.60 -1.59 0.59
N VAL B 142 6.85 -2.05 0.67
CA VAL B 142 7.95 -1.44 -0.05
C VAL B 142 8.58 -2.51 -0.97
N ASP B 143 8.78 -2.16 -2.25
CA ASP B 143 9.26 -3.11 -3.25
C ASP B 143 10.60 -2.59 -3.83
N ILE B 144 11.71 -3.08 -3.26
CA ILE B 144 13.05 -2.65 -3.74
C ILE B 144 13.74 -3.85 -4.39
N HIS B 145 14.07 -3.74 -5.67
CA HIS B 145 14.84 -4.78 -6.33
C HIS B 145 16.15 -4.97 -5.60
N PRO B 146 16.52 -6.25 -5.30
CA PRO B 146 17.77 -6.53 -4.60
C PRO B 146 19.02 -6.02 -5.31
N ALA B 147 18.95 -5.80 -6.63
CA ALA B 147 20.10 -5.29 -7.43
C ALA B 147 20.19 -3.78 -7.42
N ALA B 148 19.22 -3.10 -6.83
CA ALA B 148 19.32 -1.65 -6.69
C ALA B 148 20.52 -1.31 -5.81
N ARG B 149 21.13 -0.15 -6.06
CA ARG B 149 22.33 0.30 -5.32
C ARG B 149 21.94 1.45 -4.40
N ILE B 150 21.88 1.20 -3.11
CA ILE B 150 21.41 2.21 -2.17
C ILE B 150 22.46 2.48 -1.09
N GLY B 151 22.77 3.76 -0.90
CA GLY B 151 23.72 4.19 0.13
C GLY B 151 23.13 4.21 1.55
N ARG B 152 23.60 5.15 2.35
CA ARG B 152 23.26 5.22 3.77
C ARG B 152 22.83 6.63 4.21
N GLY B 153 22.35 6.74 5.44
CA GLY B 153 21.67 7.96 5.88
C GLY B 153 20.44 8.17 5.02
N ILE B 154 19.72 7.08 4.75
CA ILE B 154 18.49 7.12 3.93
C ILE B 154 17.27 7.09 4.86
N MET B 155 16.31 8.00 4.69
CA MET B 155 15.03 7.90 5.40
C MET B 155 13.92 7.61 4.39
N LEU B 156 13.19 6.52 4.63
CA LEU B 156 11.91 6.22 3.93
C LEU B 156 10.76 6.48 4.92
N ASP B 157 10.16 7.65 4.87
CA ASP B 157 9.13 8.04 5.85
C ASP B 157 7.77 7.49 5.43
N HIS B 158 7.10 6.74 6.31
CA HIS B 158 5.73 6.19 6.06
C HIS B 158 5.77 5.03 5.10
N ALA B 159 6.23 5.30 3.88
CA ALA B 159 6.79 4.26 2.99
C ALA B 159 5.78 3.45 2.15
N THR B 160 4.51 3.36 2.56
CA THR B 160 3.55 2.61 1.77
C THR B 160 3.65 2.94 0.27
N GLY B 161 3.86 1.92 -0.56
CA GLY B 161 3.82 2.11 -1.98
C GLY B 161 5.19 2.44 -2.58
N ILE B 162 6.27 2.45 -1.80
CA ILE B 162 7.57 2.77 -2.41
C ILE B 162 7.99 1.64 -3.36
N VAL B 163 8.44 2.02 -4.55
CA VAL B 163 8.95 1.09 -5.54
C VAL B 163 10.30 1.58 -6.04
N ILE B 164 11.31 0.73 -5.91
CA ILE B 164 12.62 1.06 -6.44
C ILE B 164 13.09 -0.12 -7.26
N GLY B 165 13.36 0.13 -8.55
CA GLY B 165 13.61 -0.94 -9.50
C GLY B 165 15.07 -1.34 -9.68
N GLU B 166 15.29 -2.35 -10.53
CA GLU B 166 16.55 -3.08 -10.66
C GLU B 166 17.82 -2.24 -10.80
N THR B 167 17.81 -1.22 -11.66
CA THR B 167 19.04 -0.50 -11.98
C THR B 167 19.08 0.87 -11.30
N ALA B 168 18.22 1.06 -10.30
CA ALA B 168 18.17 2.32 -9.59
C ALA B 168 19.39 2.51 -8.68
N VAL B 169 19.76 3.76 -8.50
CA VAL B 169 20.84 4.09 -7.59
C VAL B 169 20.33 5.15 -6.65
N VAL B 170 20.57 4.95 -5.36
CA VAL B 170 20.29 5.99 -4.37
C VAL B 170 21.50 6.23 -3.50
N GLU B 171 22.04 7.43 -3.63
CA GLU B 171 23.23 7.81 -2.90
C GLU B 171 22.87 8.12 -1.46
N ASP B 172 23.88 8.47 -0.67
CA ASP B 172 23.71 8.83 0.73
C ASP B 172 22.85 10.07 0.92
N ASP B 173 22.22 10.13 2.11
CA ASP B 173 21.44 11.27 2.58
C ASP B 173 20.33 11.66 1.63
N VAL B 174 19.48 10.68 1.34
CA VAL B 174 18.29 10.88 0.53
C VAL B 174 17.07 10.65 1.42
N SER B 175 16.05 11.45 1.23
CA SER B 175 14.79 11.25 1.94
C SER B 175 13.68 11.02 0.93
N ILE B 176 12.92 9.96 1.17
CA ILE B 176 11.89 9.50 0.26
C ILE B 176 10.62 9.21 1.05
N LEU B 177 9.52 9.71 0.53
CA LEU B 177 8.25 9.61 1.23
C LEU B 177 7.39 8.49 0.66
N GLN B 178 6.18 8.32 1.22
CA GLN B 178 5.25 7.29 0.76
C GLN B 178 4.99 7.43 -0.72
N ASP B 179 4.68 6.29 -1.35
CA ASP B 179 4.15 6.29 -2.69
C ASP B 179 5.09 6.86 -3.74
N VAL B 180 6.39 6.73 -3.53
CA VAL B 180 7.35 7.21 -4.52
C VAL B 180 7.81 6.03 -5.35
N THR B 181 7.89 6.24 -6.64
CA THR B 181 8.40 5.24 -7.56
C THR B 181 9.74 5.75 -8.19
N LEU B 182 10.79 4.93 -8.08
CA LEU B 182 12.01 5.08 -8.90
C LEU B 182 11.93 3.93 -9.91
N GLY B 183 11.29 4.23 -11.03
CA GLY B 183 10.82 3.18 -11.93
C GLY B 183 11.46 3.14 -13.30
N GLY B 184 11.18 2.06 -13.99
CA GLY B 184 11.74 1.77 -15.30
C GLY B 184 10.87 2.14 -16.48
N THR B 185 11.40 1.89 -17.67
CA THR B 185 10.72 2.18 -18.90
C THR B 185 11.14 1.13 -19.92
N GLY B 186 10.19 0.71 -20.76
CA GLY B 186 10.43 -0.26 -21.82
C GLY B 186 10.44 -1.70 -21.33
N LYS B 187 10.46 -2.62 -22.29
CA LYS B 187 10.48 -4.05 -22.00
C LYS B 187 11.87 -4.69 -22.05
N GLU B 188 12.89 -3.91 -22.41
CA GLU B 188 14.24 -4.45 -22.55
C GLU B 188 15.06 -4.35 -21.27
N CYS B 189 15.90 -5.36 -21.04
CA CYS B 189 17.00 -5.32 -20.06
C CYS B 189 17.88 -4.11 -20.32
N GLY B 190 18.70 -3.73 -19.35
CA GLY B 190 19.59 -2.58 -19.50
C GLY B 190 19.30 -1.49 -18.49
N ASP B 191 20.18 -0.49 -18.44
CA ASP B 191 20.03 0.63 -17.50
C ASP B 191 18.78 1.42 -17.87
N ARG B 192 17.88 1.61 -16.89
CA ARG B 192 16.52 2.15 -17.18
C ARG B 192 15.80 2.76 -15.97
N HIS B 193 16.55 2.99 -14.89
CA HIS B 193 16.01 3.40 -13.61
C HIS B 193 16.78 4.60 -13.14
N PRO B 194 16.17 5.44 -12.28
CA PRO B 194 16.80 6.72 -11.96
C PRO B 194 18.03 6.61 -11.08
N LYS B 195 18.91 7.60 -11.24
CA LYS B 195 20.07 7.80 -10.40
C LYS B 195 19.81 9.01 -9.52
N ILE B 196 19.57 8.74 -8.24
CA ILE B 196 19.27 9.77 -7.28
C ILE B 196 20.53 10.08 -6.47
N ARG B 197 21.10 11.26 -6.73
CA ARG B 197 22.36 11.68 -6.11
C ARG B 197 22.14 12.19 -4.71
N GLU B 198 23.26 12.43 -4.03
CA GLU B 198 23.29 12.82 -2.63
C GLU B 198 22.49 14.10 -2.30
N GLY B 199 21.77 14.06 -1.19
CA GLY B 199 21.11 15.23 -0.67
C GLY B 199 19.69 15.41 -1.13
N VAL B 200 19.24 14.57 -2.07
CA VAL B 200 17.91 14.69 -2.69
C VAL B 200 16.73 14.40 -1.75
N MET B 201 15.69 15.20 -1.88
CA MET B 201 14.47 14.96 -1.17
C MET B 201 13.30 14.66 -2.14
N ILE B 202 12.64 13.53 -1.93
CA ILE B 202 11.51 13.14 -2.77
C ILE B 202 10.17 13.17 -2.01
N GLY B 203 9.32 14.12 -2.36
CA GLY B 203 7.99 14.28 -1.67
C GLY B 203 7.01 13.16 -2.00
N ALA B 204 5.93 13.01 -1.19
CA ALA B 204 4.95 11.91 -1.33
C ALA B 204 4.41 11.80 -2.74
N GLY B 205 4.30 10.57 -3.24
CA GLY B 205 3.66 10.30 -4.53
C GLY B 205 4.44 10.65 -5.80
N ALA B 206 5.69 11.09 -5.67
CA ALA B 206 6.51 11.39 -6.87
C ALA B 206 6.91 10.14 -7.67
N LYS B 207 6.85 10.26 -8.98
CA LYS B 207 7.17 9.18 -9.89
C LYS B 207 8.32 9.65 -10.77
N ILE B 208 9.45 8.93 -10.69
CA ILE B 208 10.64 9.26 -11.49
C ILE B 208 10.97 8.01 -12.30
N LEU B 209 11.09 8.16 -13.62
CA LEU B 209 11.11 7.00 -14.50
C LEU B 209 12.20 7.12 -15.56
N GLY B 210 12.85 6.00 -15.83
CA GLY B 210 13.85 5.91 -16.94
C GLY B 210 15.23 6.10 -16.37
N ASN B 211 16.26 5.86 -17.18
CA ASN B 211 17.64 6.04 -16.68
C ASN B 211 18.00 7.53 -16.70
N ILE B 212 17.50 8.27 -15.70
CA ILE B 212 17.73 9.71 -15.66
C ILE B 212 18.39 10.10 -14.35
N GLU B 213 19.17 11.17 -14.45
CA GLU B 213 19.96 11.72 -13.37
C GLU B 213 19.03 12.64 -12.58
N VAL B 214 18.96 12.46 -11.25
CA VAL B 214 18.41 13.49 -10.38
C VAL B 214 19.57 14.05 -9.56
N GLY B 215 19.96 15.27 -9.92
CA GLY B 215 21.19 15.86 -9.43
C GLY B 215 21.29 16.10 -7.95
N GLU B 216 22.54 16.19 -7.49
CA GLU B 216 22.89 16.50 -6.11
C GLU B 216 22.05 17.66 -5.52
N GLY B 217 21.44 17.39 -4.37
CA GLY B 217 20.67 18.40 -3.66
C GLY B 217 19.39 18.87 -4.34
N ALA B 218 18.88 18.12 -5.32
CA ALA B 218 17.58 18.46 -5.92
C ALA B 218 16.42 18.22 -4.93
N LYS B 219 15.31 18.87 -5.19
CA LYS B 219 14.11 18.60 -4.45
C LYS B 219 13.07 18.17 -5.48
N ILE B 220 12.40 17.03 -5.25
CA ILE B 220 11.31 16.60 -6.12
C ILE B 220 9.97 16.81 -5.41
N GLY B 221 9.20 17.74 -5.97
CA GLY B 221 7.90 18.05 -5.45
C GLY B 221 7.02 16.82 -5.31
N SER B 222 6.20 16.83 -4.27
CA SER B 222 5.18 15.84 -4.06
C SER B 222 4.31 15.78 -5.32
N GLY B 223 3.98 14.56 -5.73
CA GLY B 223 3.06 14.36 -6.85
C GLY B 223 3.70 14.57 -8.21
N SER B 224 5.02 14.79 -8.23
CA SER B 224 5.70 15.09 -9.49
C SER B 224 5.81 13.87 -10.36
N VAL B 225 5.76 14.05 -11.67
CA VAL B 225 6.06 12.95 -12.59
C VAL B 225 7.30 13.38 -13.37
N VAL B 226 8.43 12.74 -13.08
CA VAL B 226 9.72 13.16 -13.64
C VAL B 226 10.15 12.22 -14.77
N LEU B 227 10.31 12.77 -15.98
CA LEU B 227 10.67 12.00 -17.16
C LEU B 227 12.04 12.38 -17.72
N GLN B 228 12.62 13.46 -17.17
CA GLN B 228 13.89 14.00 -17.68
C GLN B 228 14.82 14.39 -16.54
N ALA B 229 16.11 14.39 -16.85
CA ALA B 229 17.18 14.70 -15.90
C ALA B 229 16.86 15.97 -15.13
N VAL B 230 17.10 15.94 -13.83
CA VAL B 230 16.91 17.13 -13.00
C VAL B 230 18.29 17.67 -12.65
N PRO B 231 18.56 18.96 -12.99
CA PRO B 231 19.82 19.61 -12.62
C PRO B 231 20.01 19.60 -11.12
N PRO B 232 21.28 19.60 -10.68
CA PRO B 232 21.54 19.68 -9.26
C PRO B 232 20.95 20.96 -8.67
N HIS B 233 20.53 20.88 -7.40
CA HIS B 233 20.12 22.05 -6.62
C HIS B 233 18.97 22.75 -7.24
N THR B 234 18.07 21.94 -7.79
CA THR B 234 16.88 22.43 -8.46
C THR B 234 15.64 21.81 -7.81
N THR B 235 14.54 22.54 -7.82
CA THR B 235 13.25 22.03 -7.40
C THR B 235 12.37 21.85 -8.63
N VAL B 236 11.81 20.65 -8.76
CA VAL B 236 10.92 20.36 -9.86
C VAL B 236 9.56 19.96 -9.30
N ALA B 237 8.52 20.24 -10.06
CA ALA B 237 7.15 19.86 -9.67
C ALA B 237 6.22 19.89 -10.87
N GLY B 238 5.15 19.10 -10.82
CA GLY B 238 4.20 19.04 -11.91
C GLY B 238 4.10 17.66 -12.57
N VAL B 239 3.18 17.57 -13.51
CA VAL B 239 2.89 16.35 -14.26
C VAL B 239 2.73 16.82 -15.72
N PRO B 240 3.79 16.70 -16.54
CA PRO B 240 5.13 16.27 -16.15
C PRO B 240 5.91 17.37 -15.41
N ALA B 241 6.92 16.98 -14.66
CA ALA B 241 7.66 17.92 -13.82
C ALA B 241 8.50 18.95 -14.61
N ARG B 242 8.44 20.19 -14.17
CA ARG B 242 9.31 21.23 -14.70
C ARG B 242 9.98 21.98 -13.51
N ILE B 243 11.09 22.66 -13.79
CA ILE B 243 11.75 23.52 -12.80
C ILE B 243 10.79 24.58 -12.28
N VAL B 244 10.55 24.59 -10.99
CA VAL B 244 9.68 25.60 -10.39
C VAL B 244 10.45 26.49 -9.40
N GLY B 245 11.68 26.11 -9.05
CA GLY B 245 12.45 26.88 -8.07
C GLY B 245 13.78 26.25 -7.72
N ARG B 246 14.31 26.64 -6.57
CA ARG B 246 15.62 26.18 -6.12
C ARG B 246 15.66 26.10 -4.60
N PRO B 247 16.17 24.96 -4.07
CA PRO B 247 16.31 24.86 -2.62
C PRO B 247 17.44 25.76 -2.12
N GLN B 248 17.24 26.26 -0.91
CA GLN B 248 18.21 27.08 -0.22
C GLN B 248 19.32 26.25 0.41
N SER B 249 18.97 25.11 1.00
CA SER B 249 20.00 24.26 1.58
C SER B 249 20.64 23.36 0.51
N ASP B 250 21.89 22.95 0.77
CA ASP B 250 22.63 22.09 -0.13
C ASP B 250 22.06 20.69 -0.18
N LYS B 251 21.50 20.26 0.95
CA LYS B 251 20.93 18.91 1.08
C LYS B 251 19.50 19.04 1.62
N PRO B 252 18.54 19.31 0.72
CA PRO B 252 17.11 19.47 1.14
C PRO B 252 16.52 18.23 1.87
N SER B 253 17.13 17.06 1.67
CA SER B 253 16.78 15.84 2.39
C SER B 253 16.90 15.97 3.91
N LEU B 254 17.78 16.88 4.36
CA LEU B 254 18.02 17.05 5.78
C LEU B 254 16.91 17.89 6.43
N ASP B 255 16.30 18.75 5.63
CA ASP B 255 15.35 19.75 6.14
C ASP B 255 13.90 19.39 5.89
N MET B 256 13.62 18.63 4.83
CA MET B 256 12.26 18.13 4.57
C MET B 256 11.22 19.24 4.39
N ASP B 257 11.64 20.34 3.76
CA ASP B 257 10.72 21.41 3.39
C ASP B 257 9.96 20.95 2.16
N GLN B 258 8.65 20.73 2.32
CA GLN B 258 7.80 20.23 1.20
C GLN B 258 7.36 21.33 0.22
N GLN B 259 7.65 22.58 0.58
CA GLN B 259 7.20 23.71 -0.23
C GLN B 259 7.81 23.71 -1.60
N PHE B 260 6.96 24.04 -2.57
CA PHE B 260 7.37 24.51 -3.87
C PHE B 260 6.44 25.64 -4.29
N ASN B 261 6.85 26.49 -5.23
CA ASN B 261 8.14 26.40 -5.92
C ASN B 261 9.37 26.05 -5.04
N GLY B 262 9.54 26.76 -3.91
CA GLY B 262 10.58 26.48 -2.92
C GLY B 262 11.97 26.12 -3.46
N ALA C 5 -29.56 6.02 16.60
CA ALA C 5 -29.04 5.26 15.44
C ALA C 5 -28.30 4.04 15.96
N HIS C 6 -27.32 4.24 16.85
CA HIS C 6 -26.36 3.17 17.23
C HIS C 6 -26.99 1.86 17.63
N THR C 7 -28.16 1.94 18.22
CA THR C 7 -28.97 0.78 18.61
C THR C 7 -29.62 0.06 17.40
N LYS C 8 -30.20 0.85 16.49
CA LYS C 8 -30.84 0.34 15.27
C LYS C 8 -29.77 -0.22 14.30
N VAL C 9 -28.64 0.45 14.23
CA VAL C 9 -27.51 0.03 13.42
C VAL C 9 -27.04 -1.36 13.86
N TRP C 10 -26.97 -1.59 15.18
CA TRP C 10 -26.57 -2.90 15.69
C TRP C 10 -27.54 -4.02 15.36
N GLN C 11 -28.82 -3.79 15.58
CA GLN C 11 -29.88 -4.76 15.18
C GLN C 11 -29.91 -5.12 13.70
N THR C 12 -29.61 -4.17 12.82
CA THR C 12 -29.57 -4.43 11.40
C THR C 12 -28.36 -5.31 11.06
N ILE C 13 -27.23 -5.02 11.70
CA ILE C 13 -26.01 -5.80 11.52
C ILE C 13 -26.25 -7.28 11.88
N VAL C 14 -26.92 -7.52 13.01
CA VAL C 14 -27.28 -8.86 13.44
C VAL C 14 -28.25 -9.53 12.47
N ALA C 15 -29.29 -8.81 12.04
CA ALA C 15 -30.19 -9.32 10.98
C ALA C 15 -29.43 -9.72 9.69
N GLU C 16 -28.56 -8.85 9.18
CA GLU C 16 -27.71 -9.16 8.00
C GLU C 16 -26.81 -10.37 8.22
N ALA C 17 -26.21 -10.46 9.40
CA ALA C 17 -25.30 -11.56 9.72
C ALA C 17 -25.99 -12.91 9.72
N ARG C 18 -27.20 -12.96 10.30
CA ARG C 18 -28.03 -14.19 10.29
C ARG C 18 -28.31 -14.67 8.88
N GLU C 19 -28.61 -13.73 7.99
CA GLU C 19 -28.84 -14.01 6.57
C GLU C 19 -27.58 -14.52 5.85
N GLN C 20 -26.45 -13.82 6.01
CA GLN C 20 -25.18 -14.23 5.41
C GLN C 20 -24.74 -15.62 5.93
N ALA C 21 -24.93 -15.84 7.23
CA ALA C 21 -24.59 -17.10 7.88
C ALA C 21 -25.30 -18.27 7.19
N GLU C 22 -26.60 -18.11 6.98
CA GLU C 22 -27.43 -19.11 6.31
C GLU C 22 -27.03 -19.35 4.84
N GLN C 23 -26.56 -18.30 4.19
CA GLN C 23 -26.18 -18.32 2.78
C GLN C 23 -24.84 -19.00 2.55
N GLU C 24 -23.86 -18.73 3.42
CA GLU C 24 -22.50 -19.18 3.23
C GLU C 24 -22.01 -20.03 4.41
N PRO C 25 -22.20 -21.35 4.33
CA PRO C 25 -21.76 -22.27 5.38
C PRO C 25 -20.24 -22.15 5.67
N MET C 26 -19.42 -21.81 4.69
CA MET C 26 -17.98 -21.60 4.98
C MET C 26 -17.75 -20.48 6.01
N LEU C 27 -18.69 -19.52 6.09
CA LEU C 27 -18.58 -18.34 6.97
C LEU C 27 -19.62 -18.26 8.10
N ALA C 28 -20.45 -19.28 8.24
CA ALA C 28 -21.51 -19.27 9.28
C ALA C 28 -20.94 -19.04 10.67
N SER C 29 -19.88 -19.77 11.03
CA SER C 29 -19.17 -19.60 12.32
C SER C 29 -18.46 -18.25 12.49
N PHE C 30 -17.80 -17.80 11.43
CA PHE C 30 -17.27 -16.44 11.36
C PHE C 30 -18.34 -15.37 11.68
N TYR C 31 -19.49 -15.40 11.00
CA TYR C 31 -20.63 -14.51 11.33
C TYR C 31 -21.19 -14.65 12.75
N HIS C 32 -21.16 -15.87 13.27
CA HIS C 32 -21.67 -16.12 14.62
C HIS C 32 -20.77 -15.63 15.72
N ALA C 33 -19.47 -15.89 15.56
CA ALA C 33 -18.47 -15.52 16.56
C ALA C 33 -18.21 -14.03 16.61
N THR C 34 -18.37 -13.35 15.48
CA THR C 34 -18.02 -11.94 15.39
C THR C 34 -19.22 -11.11 15.76
N ILE C 35 -20.38 -11.50 15.24
CA ILE C 35 -21.58 -10.67 15.31
C ILE C 35 -22.75 -11.30 16.08
N ILE C 36 -23.25 -12.43 15.59
CA ILE C 36 -24.52 -12.99 16.07
C ILE C 36 -24.55 -13.29 17.57
N LYS C 37 -23.44 -13.80 18.10
CA LYS C 37 -23.30 -14.05 19.54
C LYS C 37 -23.40 -12.79 20.38
N HIS C 38 -23.20 -11.63 19.77
CA HIS C 38 -22.96 -10.42 20.56
C HIS C 38 -24.14 -9.48 20.72
N ASP C 39 -24.03 -8.68 21.78
CA ASP C 39 -25.08 -7.77 22.25
C ASP C 39 -24.88 -6.32 21.78
N SER C 40 -23.66 -5.99 21.39
CA SER C 40 -23.30 -4.62 21.05
C SER C 40 -22.18 -4.57 20.03
N LEU C 41 -22.11 -3.43 19.35
CA LEU C 41 -21.06 -3.20 18.37
C LEU C 41 -19.70 -3.37 19.05
N LYS C 42 -19.58 -2.89 20.29
CA LYS C 42 -18.33 -2.98 21.07
C LYS C 42 -17.73 -4.38 21.02
N ALA C 43 -18.55 -5.40 21.28
CA ALA C 43 -18.06 -6.75 21.41
C ALA C 43 -17.61 -7.29 20.06
N ALA C 44 -18.37 -6.92 19.02
CA ALA C 44 -18.08 -7.36 17.65
C ALA C 44 -16.83 -6.66 17.09
N LEU C 45 -16.76 -5.37 17.33
CA LEU C 45 -15.64 -4.56 16.89
C LEU C 45 -14.33 -4.92 17.59
N SER C 46 -14.38 -5.16 18.90
CA SER C 46 -13.15 -5.51 19.61
C SER C 46 -12.53 -6.83 19.10
N TYR C 47 -13.41 -7.80 18.79
CA TYR C 47 -13.00 -9.09 18.22
C TYR C 47 -12.29 -8.90 16.88
N ILE C 48 -12.98 -8.20 15.98
CA ILE C 48 -12.51 -8.01 14.63
C ILE C 48 -11.20 -7.21 14.63
N LEU C 49 -11.13 -6.17 15.45
CA LEU C 49 -9.92 -5.32 15.52
C LEU C 49 -8.74 -6.07 16.12
N ALA C 50 -9.03 -6.87 17.13
CA ALA C 50 -7.98 -7.62 17.81
C ALA C 50 -7.34 -8.57 16.84
N ASN C 51 -8.15 -9.21 15.99
CA ASN C 51 -7.58 -10.06 14.91
C ASN C 51 -6.69 -9.29 13.91
N ARG C 52 -7.09 -8.08 13.51
CA ARG C 52 -6.24 -7.25 12.65
C ARG C 52 -4.96 -6.75 13.37
N LEU C 53 -5.08 -6.49 14.67
CA LEU C 53 -3.95 -5.96 15.45
C LEU C 53 -2.97 -7.04 15.94
N ASN C 54 -3.34 -8.30 15.76
CA ASN C 54 -2.57 -9.48 16.20
C ASN C 54 -1.11 -9.51 15.71
N THR C 55 -0.17 -9.67 16.64
CA THR C 55 1.26 -9.80 16.35
C THR C 55 1.79 -10.87 17.29
N ALA C 56 2.95 -11.41 16.92
CA ALA C 56 3.64 -12.39 17.70
C ALA C 56 3.81 -11.89 19.13
N SER C 57 4.15 -10.62 19.30
CA SER C 57 4.48 -10.12 20.64
C SER C 57 3.26 -9.80 21.49
N MET C 58 2.11 -9.62 20.83
CA MET C 58 0.86 -9.37 21.52
C MET C 58 -0.34 -9.99 20.75
N PRO C 59 -0.63 -11.27 21.03
CA PRO C 59 -1.71 -11.94 20.30
C PRO C 59 -3.06 -11.24 20.45
N ALA C 60 -3.93 -11.43 19.45
CA ALA C 60 -5.32 -10.94 19.44
C ALA C 60 -6.01 -10.96 20.80
N MET C 61 -6.01 -12.12 21.47
CA MET C 61 -6.76 -12.25 22.73
C MET C 61 -6.26 -11.25 23.78
N ALA C 62 -4.95 -10.98 23.78
CA ALA C 62 -4.39 -9.95 24.67
C ALA C 62 -4.80 -8.55 24.21
N VAL C 63 -4.65 -8.29 22.92
CA VAL C 63 -5.05 -7.02 22.33
C VAL C 63 -6.52 -6.67 22.64
N ARG C 64 -7.39 -7.65 22.55
CA ARG C 64 -8.81 -7.38 22.73
C ARG C 64 -9.16 -6.65 24.05
N GLU C 65 -8.48 -7.01 25.13
CA GLU C 65 -8.69 -6.39 26.44
C GLU C 65 -8.39 -4.89 26.45
N VAL C 66 -7.26 -4.52 25.83
CA VAL C 66 -6.89 -3.11 25.62
C VAL C 66 -7.96 -2.33 24.85
N ILE C 67 -8.45 -2.93 23.76
CA ILE C 67 -9.54 -2.36 22.98
C ILE C 67 -10.81 -2.21 23.84
N GLU C 68 -11.15 -3.26 24.56
CA GLU C 68 -12.32 -3.25 25.43
C GLU C 68 -12.19 -2.18 26.54
N GLU C 69 -10.98 -1.99 27.07
CA GLU C 69 -10.75 -0.99 28.13
C GLU C 69 -10.96 0.43 27.56
N ALA C 70 -10.50 0.69 26.34
CA ALA C 70 -10.70 1.99 25.69
C ALA C 70 -12.18 2.26 25.48
N PHE C 71 -12.90 1.26 24.93
CA PHE C 71 -14.35 1.33 24.71
C PHE C 71 -15.14 1.62 26.01
N ALA C 72 -14.73 1.00 27.12
CA ALA C 72 -15.41 1.19 28.41
C ALA C 72 -15.15 2.59 28.98
N ALA C 73 -13.90 3.06 28.87
CA ALA C 73 -13.50 4.36 29.39
C ALA C 73 -14.06 5.54 28.60
N ASP C 74 -14.19 5.38 27.29
CA ASP C 74 -14.69 6.45 26.42
C ASP C 74 -15.82 5.96 25.50
N PRO C 75 -17.08 6.12 25.94
CA PRO C 75 -18.29 5.70 25.20
C PRO C 75 -18.36 6.33 23.80
N SER C 76 -17.74 7.49 23.64
CA SER C 76 -17.76 8.19 22.36
C SER C 76 -17.06 7.39 21.21
N ILE C 77 -16.12 6.52 21.58
CA ILE C 77 -15.38 5.72 20.58
C ILE C 77 -16.29 4.74 19.82
N SER C 78 -16.97 3.84 20.53
CA SER C 78 -17.99 2.94 19.91
C SER C 78 -19.04 3.70 19.11
N GLU C 79 -19.47 4.84 19.61
CA GLU C 79 -20.52 5.58 18.94
C GLU C 79 -20.05 6.25 17.64
N ALA C 80 -18.85 6.81 17.65
CA ALA C 80 -18.21 7.28 16.41
C ALA C 80 -18.12 6.13 15.41
N ALA C 81 -17.77 4.94 15.92
CA ALA C 81 -17.56 3.75 15.10
C ALA C 81 -18.86 3.36 14.37
N ALA C 82 -20.00 3.56 15.02
CA ALA C 82 -21.33 3.31 14.43
C ALA C 82 -21.70 4.38 13.42
N CYS C 83 -21.31 5.61 13.72
CA CYS C 83 -21.52 6.69 12.77
C CYS C 83 -20.65 6.46 11.51
N ASP C 84 -19.44 5.94 11.70
CA ASP C 84 -18.54 5.71 10.56
C ASP C 84 -19.11 4.65 9.61
N ILE C 85 -19.74 3.62 10.18
CA ILE C 85 -20.50 2.61 9.37
C ILE C 85 -21.54 3.26 8.47
N CYS C 86 -22.50 3.97 9.07
CA CYS C 86 -23.52 4.68 8.30
C CYS C 86 -22.95 5.54 7.19
N ALA C 87 -21.94 6.33 7.52
CA ALA C 87 -21.22 7.16 6.54
C ALA C 87 -20.80 6.33 5.35
N THR C 88 -20.21 5.16 5.59
CA THR C 88 -19.73 4.42 4.42
C THR C 88 -20.89 3.74 3.64
N VAL C 89 -21.86 3.16 4.35
CA VAL C 89 -23.07 2.69 3.69
C VAL C 89 -23.69 3.79 2.81
N ASN C 90 -23.87 4.99 3.35
CA ASN C 90 -24.47 6.12 2.63
C ASN C 90 -23.65 6.60 1.42
N ARG C 91 -22.32 6.68 1.57
CA ARG C 91 -21.53 7.32 0.53
C ARG C 91 -20.93 6.39 -0.53
N ASP C 92 -20.80 5.10 -0.20
CA ASP C 92 -20.15 4.14 -1.08
C ASP C 92 -21.17 3.23 -1.77
N PRO C 93 -21.38 3.40 -3.09
CA PRO C 93 -22.33 2.52 -3.81
C PRO C 93 -21.99 1.02 -3.71
N ALA C 94 -20.72 0.69 -3.48
CA ALA C 94 -20.31 -0.74 -3.36
C ALA C 94 -20.61 -1.34 -2.00
N VAL C 95 -21.04 -0.51 -1.06
CA VAL C 95 -21.40 -1.00 0.26
C VAL C 95 -22.88 -0.72 0.52
N SER C 96 -23.68 -1.75 0.59
CA SER C 96 -25.08 -1.52 0.87
C SER C 96 -25.48 -2.22 2.15
N MET C 97 -24.50 -2.79 2.86
CA MET C 97 -24.77 -3.49 4.13
C MET C 97 -23.91 -2.97 5.28
N TYR C 98 -24.58 -2.76 6.43
CA TYR C 98 -24.00 -2.24 7.65
C TYR C 98 -22.93 -3.15 8.23
N SER C 99 -23.10 -4.46 8.03
CA SER C 99 -22.08 -5.42 8.52
C SER C 99 -20.76 -5.40 7.72
N MET C 100 -20.77 -4.84 6.50
CA MET C 100 -19.60 -4.90 5.60
C MET C 100 -18.38 -4.10 6.08
N PRO C 101 -18.56 -2.80 6.45
CA PRO C 101 -17.38 -2.07 6.93
C PRO C 101 -16.80 -2.73 8.17
N LEU C 102 -17.67 -3.11 9.08
CA LEU C 102 -17.28 -3.77 10.33
C LEU C 102 -16.41 -5.00 10.10
N LEU C 103 -16.86 -5.85 9.18
CA LEU C 103 -16.20 -7.13 8.96
C LEU C 103 -15.07 -7.06 7.96
N TYR C 104 -15.22 -6.25 6.92
CA TYR C 104 -14.39 -6.43 5.73
C TYR C 104 -13.43 -5.35 5.34
N LEU C 105 -13.75 -4.11 5.70
CA LEU C 105 -13.07 -2.97 5.10
C LEU C 105 -11.92 -2.43 5.93
N LYS C 106 -10.71 -2.56 5.39
CA LYS C 106 -9.50 -2.23 6.13
C LYS C 106 -9.41 -0.73 6.49
N GLY C 107 -10.00 0.14 5.67
CA GLY C 107 -10.03 1.57 6.00
C GLY C 107 -10.86 1.80 7.26
N TYR C 108 -12.01 1.11 7.35
CA TYR C 108 -12.81 1.13 8.57
C TYR C 108 -12.03 0.56 9.75
N HIS C 109 -11.37 -0.58 9.55
CA HIS C 109 -10.58 -1.17 10.63
C HIS C 109 -9.50 -0.24 11.12
N ALA C 110 -8.78 0.39 10.19
CA ALA C 110 -7.68 1.29 10.55
C ALA C 110 -8.17 2.51 11.33
N LEU C 111 -9.32 3.01 10.92
CA LEU C 111 -9.93 4.17 11.57
C LEU C 111 -10.27 3.86 13.04
N GLN C 112 -10.94 2.75 13.29
CA GLN C 112 -11.31 2.39 14.68
C GLN C 112 -10.07 1.95 15.45
N GLY C 113 -9.10 1.37 14.76
CA GLY C 113 -7.78 1.10 15.36
C GLY C 113 -7.14 2.39 15.85
N TYR C 114 -7.11 3.40 14.98
CA TYR C 114 -6.73 4.76 15.36
C TYR C 114 -7.43 5.26 16.64
N ARG C 115 -8.76 5.09 16.74
CA ARG C 115 -9.49 5.61 17.93
C ARG C 115 -8.91 5.00 19.20
N VAL C 116 -8.62 3.71 19.16
CA VAL C 116 -8.00 3.03 20.31
C VAL C 116 -6.56 3.54 20.56
N ALA C 117 -5.74 3.65 19.51
CA ALA C 117 -4.38 4.19 19.69
C ALA C 117 -4.40 5.62 20.27
N ASN C 118 -5.39 6.39 19.85
CA ASN C 118 -5.51 7.78 20.27
C ASN C 118 -5.86 7.85 21.75
N TRP C 119 -6.83 7.04 22.18
CA TRP C 119 -7.15 6.92 23.61
C TRP C 119 -5.94 6.52 24.43
N LEU C 120 -5.20 5.53 23.97
CA LEU C 120 -3.92 5.18 24.61
C LEU C 120 -2.96 6.36 24.70
N TRP C 121 -2.78 7.05 23.57
CA TRP C 121 -1.94 8.24 23.48
C TRP C 121 -2.33 9.23 24.57
N ARG C 122 -3.62 9.55 24.63
CA ARG C 122 -4.17 10.47 25.63
C ARG C 122 -3.97 10.00 27.09
N GLN C 123 -3.84 8.69 27.33
CA GLN C 123 -3.59 8.17 28.67
C GLN C 123 -2.12 8.18 29.01
N GLY C 124 -1.28 8.51 28.03
CA GLY C 124 0.17 8.51 28.24
C GLY C 124 0.84 7.20 27.86
N ARG C 125 0.04 6.25 27.39
CA ARG C 125 0.57 4.96 26.99
C ARG C 125 1.05 5.06 25.55
N LYS C 126 2.15 5.79 25.38
CA LYS C 126 2.58 6.20 24.05
C LYS C 126 3.30 5.09 23.28
N ALA C 127 4.01 4.23 23.99
CA ALA C 127 4.68 3.10 23.35
C ALA C 127 3.64 2.20 22.70
N LEU C 128 2.57 1.90 23.45
CA LEU C 128 1.55 0.99 23.00
C LEU C 128 0.75 1.60 21.87
N ALA C 129 0.48 2.91 21.97
CA ALA C 129 -0.19 3.61 20.87
C ALA C 129 0.65 3.61 19.57
N THR C 130 1.96 3.79 19.69
CA THR C 130 2.88 3.72 18.55
C THR C 130 2.94 2.32 17.96
N TYR C 131 2.93 1.32 18.84
CA TYR C 131 2.91 -0.07 18.45
C TYR C 131 1.61 -0.37 17.64
N PHE C 132 0.45 0.05 18.13
CA PHE C 132 -0.79 -0.16 17.38
C PHE C 132 -0.82 0.59 16.04
N GLN C 133 -0.39 1.87 16.05
CA GLN C 133 -0.34 2.70 14.84
C GLN C 133 0.46 2.02 13.72
N ASN C 134 1.62 1.51 14.07
CA ASN C 134 2.47 0.87 13.09
C ASN C 134 2.07 -0.56 12.68
N GLN C 135 1.39 -1.29 13.57
CA GLN C 135 0.80 -2.57 13.18
C GLN C 135 -0.37 -2.35 12.20
N ILE C 136 -1.13 -1.29 12.41
CA ILE C 136 -2.23 -0.96 11.51
C ILE C 136 -1.69 -0.54 10.15
N SER C 137 -0.57 0.14 10.15
CA SER C 137 0.06 0.52 8.90
C SER C 137 0.51 -0.71 8.12
N VAL C 138 1.05 -1.69 8.81
CA VAL C 138 1.44 -2.94 8.20
C VAL C 138 0.24 -3.79 7.75
N ALA C 139 -0.79 -3.87 8.60
CA ALA C 139 -1.87 -4.81 8.34
C ALA C 139 -2.99 -4.19 7.51
N CYS C 140 -3.18 -2.87 7.60
CA CYS C 140 -4.25 -2.20 6.85
C CYS C 140 -3.72 -1.24 5.83
N GLN C 141 -2.41 -0.98 5.86
CA GLN C 141 -1.77 -0.05 4.92
C GLN C 141 -2.25 1.41 5.04
N VAL C 142 -2.69 1.74 6.24
CA VAL C 142 -3.12 3.09 6.63
C VAL C 142 -2.22 3.54 7.79
N ASP C 143 -1.59 4.70 7.69
CA ASP C 143 -0.69 5.19 8.72
C ASP C 143 -1.27 6.47 9.34
N ILE C 144 -1.91 6.32 10.49
CA ILE C 144 -2.49 7.47 11.20
C ILE C 144 -1.77 7.67 12.53
N HIS C 145 -1.09 8.81 12.68
CA HIS C 145 -0.46 9.11 13.96
C HIS C 145 -1.49 9.13 15.09
N PRO C 146 -1.19 8.51 16.25
CA PRO C 146 -2.20 8.48 17.32
C PRO C 146 -2.63 9.86 17.83
N ALA C 147 -1.80 10.87 17.63
CA ALA C 147 -2.12 12.22 18.10
C ALA C 147 -2.90 13.04 17.06
N ALA C 148 -3.12 12.47 15.88
CA ALA C 148 -4.05 13.08 14.92
C ALA C 148 -5.41 13.21 15.62
N ARG C 149 -6.22 14.17 15.17
CA ARG C 149 -7.51 14.41 15.78
C ARG C 149 -8.60 14.15 14.74
N ILE C 150 -9.40 13.11 14.95
CA ILE C 150 -10.31 12.72 13.87
C ILE C 150 -11.73 12.60 14.38
N GLY C 151 -12.67 13.23 13.69
CA GLY C 151 -14.06 13.27 14.10
C GLY C 151 -14.77 11.98 13.78
N ARG C 152 -16.09 12.07 13.57
CA ARG C 152 -16.91 10.89 13.25
C ARG C 152 -17.72 11.11 11.98
N GLY C 153 -18.37 10.04 11.49
CA GLY C 153 -18.95 10.05 10.13
C GLY C 153 -17.87 10.12 9.06
N ILE C 154 -16.76 9.42 9.30
CA ILE C 154 -15.61 9.43 8.36
C ILE C 154 -15.64 8.16 7.49
N MET C 155 -15.43 8.33 6.19
CA MET C 155 -15.25 7.21 5.29
C MET C 155 -13.83 7.20 4.72
N LEU C 156 -13.11 6.12 4.98
CA LEU C 156 -11.83 5.87 4.33
C LEU C 156 -12.04 4.73 3.32
N ASP C 157 -12.23 5.09 2.07
CA ASP C 157 -12.64 4.14 1.05
C ASP C 157 -11.41 3.53 0.37
N HIS C 158 -11.31 2.19 0.41
CA HIS C 158 -10.19 1.42 -0.20
C HIS C 158 -8.94 1.57 0.62
N ALA C 159 -8.51 2.81 0.84
CA ALA C 159 -7.64 3.20 1.97
C ALA C 159 -6.15 2.92 1.81
N THR C 160 -5.79 2.00 0.90
CA THR C 160 -4.38 1.67 0.72
C THR C 160 -3.56 2.94 0.58
N GLY C 161 -2.63 3.16 1.51
CA GLY C 161 -1.70 4.27 1.35
C GLY C 161 -2.12 5.56 2.01
N ILE C 162 -3.23 5.57 2.78
CA ILE C 162 -3.60 6.77 3.53
C ILE C 162 -2.50 7.03 4.57
N VAL C 163 -2.08 8.28 4.66
CA VAL C 163 -1.12 8.74 5.67
C VAL C 163 -1.70 9.98 6.34
N ILE C 164 -1.84 9.95 7.65
CA ILE C 164 -2.36 11.12 8.38
C ILE C 164 -1.35 11.41 9.53
N GLY C 165 -0.65 12.55 9.45
CA GLY C 165 0.42 12.84 10.41
C GLY C 165 -0.03 13.37 11.78
N GLU C 166 0.94 13.61 12.65
CA GLU C 166 0.74 13.92 14.09
C GLU C 166 -0.23 15.06 14.49
N THR C 167 -0.21 16.17 13.76
CA THR C 167 -0.92 17.38 14.17
C THR C 167 -2.04 17.64 13.19
N ALA C 168 -2.38 16.60 12.42
CA ALA C 168 -3.47 16.68 11.46
C ALA C 168 -4.79 16.70 12.21
N VAL C 169 -5.79 17.32 11.59
CA VAL C 169 -7.15 17.33 12.14
C VAL C 169 -8.12 16.95 11.03
N VAL C 170 -9.05 16.05 11.31
CA VAL C 170 -10.11 15.72 10.37
C VAL C 170 -11.45 15.85 11.10
N GLU C 171 -12.27 16.80 10.67
CA GLU C 171 -13.56 17.04 11.34
C GLU C 171 -14.62 16.03 10.90
N ASP C 172 -15.84 16.15 11.42
CA ASP C 172 -16.93 15.26 11.05
C ASP C 172 -17.24 15.27 9.54
N ASP C 173 -17.80 14.15 9.06
CA ASP C 173 -18.29 14.03 7.69
C ASP C 173 -17.22 14.36 6.63
N VAL C 174 -16.12 13.66 6.68
CA VAL C 174 -15.11 13.83 5.67
C VAL C 174 -14.97 12.48 4.98
N SER C 175 -14.74 12.51 3.67
CA SER C 175 -14.50 11.28 2.93
C SER C 175 -13.13 11.32 2.28
N ILE C 176 -12.35 10.26 2.52
CA ILE C 176 -10.98 10.16 2.05
C ILE C 176 -10.80 8.82 1.31
N LEU C 177 -10.20 8.91 0.14
CA LEU C 177 -9.94 7.77 -0.72
C LEU C 177 -8.48 7.29 -0.60
N GLN C 178 -8.15 6.22 -1.33
CA GLN C 178 -6.83 5.60 -1.30
C GLN C 178 -5.73 6.61 -1.62
N ASP C 179 -4.58 6.39 -0.99
CA ASP C 179 -3.38 7.10 -1.32
C ASP C 179 -3.48 8.62 -1.08
N VAL C 180 -4.18 9.00 -0.02
CA VAL C 180 -4.23 10.39 0.37
C VAL C 180 -3.24 10.62 1.51
N THR C 181 -2.52 11.73 1.42
CA THR C 181 -1.60 12.15 2.47
C THR C 181 -2.14 13.45 3.06
N LEU C 182 -2.29 13.46 4.38
CA LEU C 182 -2.41 14.69 5.16
C LEU C 182 -1.08 14.76 5.87
N GLY C 183 -0.11 15.42 5.22
CA GLY C 183 1.29 15.31 5.57
C GLY C 183 1.93 16.58 6.11
N GLY C 184 3.09 16.38 6.72
CA GLY C 184 3.81 17.46 7.36
C GLY C 184 4.85 18.07 6.45
N THR C 185 5.49 19.12 6.95
CA THR C 185 6.59 19.77 6.26
C THR C 185 7.61 20.16 7.32
N GLY C 186 8.90 20.16 6.95
CA GLY C 186 9.99 20.59 7.81
C GLY C 186 10.46 19.51 8.78
N LYS C 187 11.51 19.82 9.54
CA LYS C 187 12.05 18.87 10.52
C LYS C 187 11.76 19.28 11.97
N GLU C 188 11.04 20.39 12.16
CA GLU C 188 10.76 20.87 13.51
C GLU C 188 9.40 20.39 14.03
N CYS C 189 9.32 20.21 15.35
CA CYS C 189 8.09 19.87 16.03
C CYS C 189 7.12 21.04 15.95
N GLY C 190 5.88 20.85 16.38
CA GLY C 190 4.87 21.90 16.25
C GLY C 190 3.90 21.68 15.11
N ASP C 191 2.86 22.52 15.06
CA ASP C 191 1.75 22.44 14.08
C ASP C 191 2.23 22.50 12.63
N ARG C 192 1.99 21.46 11.84
CA ARG C 192 2.60 21.33 10.50
C ARG C 192 1.83 20.38 9.54
N HIS C 193 0.58 20.05 9.90
CA HIS C 193 -0.25 19.09 9.17
C HIS C 193 -1.57 19.75 8.91
N PRO C 194 -2.34 19.27 7.91
CA PRO C 194 -3.51 20.05 7.53
C PRO C 194 -4.71 19.88 8.48
N LYS C 195 -5.61 20.85 8.42
CA LYS C 195 -6.82 20.83 9.23
C LYS C 195 -7.94 20.68 8.23
N ILE C 196 -8.54 19.50 8.20
CA ILE C 196 -9.61 19.26 7.27
C ILE C 196 -10.93 19.55 7.95
N ARG C 197 -11.59 20.61 7.50
CA ARG C 197 -12.85 20.99 8.10
C ARG C 197 -13.97 20.06 7.65
N GLU C 198 -15.13 20.24 8.25
CA GLU C 198 -16.30 19.41 8.01
C GLU C 198 -16.80 19.37 6.54
N GLY C 199 -17.25 18.20 6.11
CA GLY C 199 -17.94 18.06 4.82
C GLY C 199 -17.02 17.94 3.62
N VAL C 200 -15.70 17.87 3.88
CA VAL C 200 -14.72 17.89 2.81
C VAL C 200 -14.55 16.52 2.14
N MET C 201 -14.43 16.57 0.83
CA MET C 201 -14.19 15.35 0.07
C MET C 201 -12.80 15.37 -0.56
N ILE C 202 -12.03 14.30 -0.31
CA ILE C 202 -10.64 14.20 -0.84
C ILE C 202 -10.47 13.00 -1.77
N GLY C 203 -10.28 13.28 -3.06
CA GLY C 203 -10.11 12.24 -4.09
C GLY C 203 -8.80 11.45 -4.00
N ALA C 204 -8.84 10.23 -4.55
CA ALA C 204 -7.69 9.32 -4.57
C ALA C 204 -6.41 10.01 -4.96
N GLY C 205 -5.37 9.82 -4.16
CA GLY C 205 -4.04 10.31 -4.50
C GLY C 205 -3.68 11.71 -4.09
N ALA C 206 -4.64 12.46 -3.54
CA ALA C 206 -4.36 13.85 -3.12
C ALA C 206 -3.24 13.93 -2.06
N LYS C 207 -2.39 14.94 -2.18
CA LYS C 207 -1.36 15.21 -1.19
C LYS C 207 -1.57 16.62 -0.62
N ILE C 208 -1.84 16.71 0.68
CA ILE C 208 -2.07 17.99 1.33
C ILE C 208 -1.02 18.14 2.43
N LEU C 209 -0.22 19.20 2.34
CA LEU C 209 1.00 19.28 3.13
C LEU C 209 1.07 20.63 3.84
N GLY C 210 1.55 20.58 5.08
CA GLY C 210 1.77 21.81 5.84
C GLY C 210 0.57 22.08 6.72
N ASN C 211 0.75 22.99 7.67
CA ASN C 211 -0.32 23.38 8.56
C ASN C 211 -1.18 24.36 7.78
N ILE C 212 -2.09 23.84 6.95
CA ILE C 212 -2.99 24.68 6.17
C ILE C 212 -4.42 24.20 6.35
N GLU C 213 -5.37 25.08 6.10
CA GLU C 213 -6.76 24.75 6.33
C GLU C 213 -7.45 24.37 5.02
N VAL C 214 -8.26 23.32 5.09
CA VAL C 214 -9.21 23.04 3.99
C VAL C 214 -10.62 23.33 4.50
N GLY C 215 -11.22 24.42 3.99
CA GLY C 215 -12.45 24.98 4.56
C GLY C 215 -13.68 24.11 4.38
N GLU C 216 -14.75 24.37 5.15
CA GLU C 216 -15.94 23.51 5.11
C GLU C 216 -16.44 23.28 3.70
N GLY C 217 -16.71 22.00 3.41
CA GLY C 217 -17.39 21.57 2.20
C GLY C 217 -16.58 21.82 0.95
N ALA C 218 -15.25 21.90 1.09
CA ALA C 218 -14.41 22.00 -0.08
C ALA C 218 -14.30 20.61 -0.72
N LYS C 219 -13.92 20.58 -2.00
CA LYS C 219 -13.64 19.34 -2.70
C LYS C 219 -12.18 19.36 -3.16
N ILE C 220 -11.43 18.33 -2.81
CA ILE C 220 -10.05 18.23 -3.26
C ILE C 220 -9.96 17.25 -4.42
N GLY C 221 -9.71 17.78 -5.61
CA GLY C 221 -9.54 16.96 -6.81
C GLY C 221 -8.64 15.75 -6.62
N SER C 222 -8.98 14.63 -7.24
CA SER C 222 -8.10 13.47 -7.25
C SER C 222 -6.72 13.86 -7.80
N GLY C 223 -5.67 13.35 -7.20
CA GLY C 223 -4.31 13.67 -7.65
C GLY C 223 -3.80 15.06 -7.34
N SER C 224 -4.56 15.87 -6.59
CA SER C 224 -4.12 17.23 -6.25
C SER C 224 -2.94 17.24 -5.28
N VAL C 225 -2.04 18.22 -5.45
CA VAL C 225 -1.00 18.54 -4.47
C VAL C 225 -1.32 19.94 -3.92
N VAL C 226 -1.77 19.97 -2.66
CA VAL C 226 -2.28 21.18 -2.02
C VAL C 226 -1.27 21.71 -0.99
N LEU C 227 -0.84 22.95 -1.21
CA LEU C 227 0.21 23.56 -0.40
C LEU C 227 -0.24 24.87 0.25
N GLN C 228 -1.41 25.36 -0.13
CA GLN C 228 -1.95 26.57 0.50
C GLN C 228 -3.40 26.36 0.91
N ALA C 229 -3.88 27.19 1.85
CA ALA C 229 -5.23 27.03 2.37
C ALA C 229 -6.24 26.98 1.22
N VAL C 230 -7.22 26.10 1.37
CA VAL C 230 -8.30 26.00 0.42
C VAL C 230 -9.53 26.66 1.02
N PRO C 231 -10.11 27.66 0.33
CA PRO C 231 -11.29 28.36 0.84
C PRO C 231 -12.49 27.42 0.97
N PRO C 232 -13.41 27.69 1.92
CA PRO C 232 -14.64 26.90 2.08
C PRO C 232 -15.42 26.82 0.79
N HIS C 233 -16.07 25.68 0.54
CA HIS C 233 -16.93 25.52 -0.62
C HIS C 233 -16.27 25.84 -1.93
N THR C 234 -14.97 25.54 -2.04
CA THR C 234 -14.34 25.57 -3.36
C THR C 234 -13.84 24.17 -3.78
N THR C 235 -13.65 24.02 -5.08
CA THR C 235 -13.06 22.80 -5.62
C THR C 235 -11.68 23.17 -6.12
N VAL C 236 -10.67 22.42 -5.67
CA VAL C 236 -9.33 22.60 -6.18
C VAL C 236 -8.85 21.36 -6.92
N ALA C 237 -7.85 21.55 -7.76
CA ALA C 237 -7.25 20.49 -8.59
C ALA C 237 -5.92 20.94 -9.18
N GLY C 238 -5.05 19.98 -9.47
CA GLY C 238 -3.79 20.27 -10.12
C GLY C 238 -2.57 19.98 -9.27
N VAL C 239 -1.39 20.15 -9.88
CA VAL C 239 -0.12 19.95 -9.17
C VAL C 239 0.79 21.12 -9.52
N PRO C 240 0.85 22.14 -8.65
CA PRO C 240 0.11 22.29 -7.41
C PRO C 240 -1.35 22.70 -7.66
N ALA C 241 -2.21 22.50 -6.67
CA ALA C 241 -3.66 22.70 -6.85
C ALA C 241 -4.06 24.18 -6.94
N ARG C 242 -5.01 24.50 -7.79
CA ARG C 242 -5.64 25.83 -7.79
C ARG C 242 -7.18 25.73 -7.78
N ILE C 243 -7.86 26.86 -7.51
CA ILE C 243 -9.34 26.87 -7.48
C ILE C 243 -9.79 26.68 -8.91
N VAL C 244 -10.61 25.66 -9.15
CA VAL C 244 -11.14 25.37 -10.48
C VAL C 244 -12.67 25.52 -10.51
N GLY C 245 -13.29 25.70 -9.35
CA GLY C 245 -14.73 25.94 -9.30
C GLY C 245 -15.31 25.83 -7.91
N ARG C 246 -16.59 25.48 -7.86
CA ARG C 246 -17.34 25.38 -6.63
C ARG C 246 -18.13 24.06 -6.68
N PRO C 247 -18.13 23.27 -5.59
CA PRO C 247 -18.87 22.01 -5.55
C PRO C 247 -20.37 22.18 -5.75
N GLN C 248 -20.97 21.20 -6.41
CA GLN C 248 -22.40 21.12 -6.65
C GLN C 248 -23.18 21.14 -5.34
N SER C 249 -22.58 20.64 -4.26
CA SER C 249 -23.27 20.60 -3.00
C SER C 249 -22.49 21.20 -1.84
N ASP C 250 -23.24 21.44 -0.78
CA ASP C 250 -22.81 21.99 0.48
C ASP C 250 -21.78 21.12 1.20
N LYS C 251 -21.98 19.81 1.15
CA LYS C 251 -21.11 18.86 1.79
C LYS C 251 -20.69 17.78 0.79
N PRO C 252 -19.68 18.10 -0.05
CA PRO C 252 -19.29 17.15 -1.10
C PRO C 252 -18.82 15.77 -0.59
N SER C 253 -18.42 15.67 0.68
CA SER C 253 -18.16 14.35 1.30
C SER C 253 -19.32 13.34 1.19
N LEU C 254 -20.54 13.85 1.22
CA LEU C 254 -21.75 13.01 1.21
C LEU C 254 -22.09 12.52 -0.19
N ASP C 255 -21.65 13.25 -1.19
CA ASP C 255 -22.06 12.98 -2.56
C ASP C 255 -21.01 12.29 -3.39
N MET C 256 -19.74 12.52 -3.08
CA MET C 256 -18.64 11.76 -3.69
C MET C 256 -18.51 11.97 -5.21
N ASP C 257 -18.86 13.16 -5.66
CA ASP C 257 -18.75 13.50 -7.06
C ASP C 257 -17.28 13.85 -7.36
N GLN C 258 -16.64 13.02 -8.17
CA GLN C 258 -15.20 13.13 -8.44
C GLN C 258 -14.84 14.18 -9.50
N GLN C 259 -15.87 14.71 -10.17
CA GLN C 259 -15.65 15.65 -11.27
C GLN C 259 -14.99 16.95 -10.84
N PHE C 260 -14.01 17.41 -11.60
CA PHE C 260 -13.51 18.74 -11.35
C PHE C 260 -13.56 19.79 -12.45
N ASN C 261 -14.80 20.18 -12.74
CA ASN C 261 -15.13 21.45 -13.33
C ASN C 261 -15.73 22.27 -12.18
N GLY C 262 -16.05 21.56 -11.09
CA GLY C 262 -16.72 22.12 -9.93
C GLY C 262 -17.56 21.07 -9.22
N CYS D . -16.22 2.85 -3.91
CA CYS D . -16.55 3.95 -4.88
C CYS D . -17.47 3.38 -5.95
O CYS D . -17.68 2.16 -6.00
CB CYS D . -15.26 4.44 -5.55
SG CYS D . -14.44 3.05 -6.38
OXT CYS D . -17.99 4.12 -6.81
N ARG E . -8.71 -9.57 7.28
CA ARG E . -9.64 -10.63 6.76
C ARG E . -10.75 -10.01 5.92
O ARG E . -11.83 -10.57 5.77
CB ARG E . -10.15 -11.51 7.90
CG ARG E . -8.99 -12.12 8.73
CD ARG E . -9.10 -13.62 9.04
NE ARG E . -10.24 -13.97 9.86
CZ ARG E . -10.57 -13.27 10.92
NH1 ARG E . -11.64 -13.57 11.64
NH2 ARG E . -9.76 -12.30 11.26
OXT ARG E . -10.55 -8.93 5.34
N CYS F . 9.22 -3.56 -13.95
CA CYS F . 9.62 -2.39 -14.79
C CYS F . 11.14 -2.46 -15.10
O CYS F . 11.87 -3.28 -14.52
CB CYS F . 9.25 -1.07 -14.10
SG CYS F . 10.10 -0.76 -12.54
OXT CYS F . 11.66 -1.73 -15.94
N ARG G . 7.69 -15.27 0.51
CA ARG G . 7.14 -15.31 -0.86
C ARG G . 6.86 -13.89 -1.32
O ARG G . 5.74 -13.35 -1.30
CB ARG G . 5.86 -16.15 -0.91
CG ARG G . 4.88 -15.82 0.19
CD ARG G . 4.98 -16.83 1.31
NE ARG G . 4.68 -18.19 0.85
CZ ARG G . 4.71 -19.25 1.63
NH1 ARG G . 4.46 -20.44 1.15
NH2 ARG G . 5.02 -19.11 2.88
OXT ARG G . 7.80 -13.26 -1.73
N CYS H . 6.69 12.58 9.24
CA CYS H . 6.63 13.98 8.75
C CYS H . 6.10 14.86 9.90
O CYS H . 5.72 14.35 10.98
CB CYS H . 5.72 14.08 7.53
SG CYS H . 4.04 13.45 7.84
OXT CYS H . 6.04 16.09 9.78
N ARG I . 3.57 -3.07 16.21
CA ARG I . 4.97 -3.05 15.72
C ARG I . 4.96 -2.77 14.25
O ARG I . 4.16 -1.95 13.84
CB ARG I . 5.61 -4.41 15.96
CG ARG I . 4.91 -5.49 15.18
CD ARG I . 5.80 -6.67 15.06
NE ARG I . 5.98 -7.33 16.34
CZ ARG I . 6.43 -8.56 16.49
NH1 ARG I . 6.58 -9.05 17.67
NH2 ARG I . 6.76 -9.28 15.45
OXT ARG I . 5.69 -3.36 13.45
NA NA J . -23.85 2.38 -0.23
#